data_6CGG
#
_entry.id   6CGG
#
_cell.length_a   90.330
_cell.length_b   99.780
_cell.length_c   93.510
_cell.angle_alpha   90.00
_cell.angle_beta   105.43
_cell.angle_gamma   90.00
#
_symmetry.space_group_name_H-M   'P 1 21 1'
#
loop_
_entity.id
_entity.type
_entity.pdbx_description
1 polymer 'Bifunctional AAC/APH'
2 non-polymer 'PHOSPHOAMINOPHOSPHONIC ACID-GUANYLATE ESTER'
3 non-polymer 'MAGNESIUM ION'
4 non-polymer 'CHLORIDE ION'
5 non-polymer Arbekacin
6 non-polymer GLYCEROL
7 water water
#
_entity_poly.entity_id   1
_entity_poly.type   'polypeptide(L)'
_entity_poly.pdbx_seq_one_letter_code
;MEYRYDDNATNVKAMKYLIEHYFDNFKVDSIEIIGSGYDSVAYLVNNEYIFKTKFSTNKKKGYAKEKAIYNFLNTNLETN
VKIPNIEYSYISDELSILGYKEIKGTFLTPEIYSTMSEEEQNLLKRDIASFLRQMHGLDYTDISECTIDNKQNVLEEYIL
LRETIYNDLTDIEKDYIESFMERLNATTVFEGKKCLCHNDFSCNHLLLDGNNRLTGIIDFGDSGIIDEYCDFIYLLEDSE
EEIGTNFGEDILRMYGNIDIEKAKEYQDIVEEYYPIETIVYGIKNIKQEFIENGRKEIYKRTYKD
;
_entity_poly.pdbx_strand_id   A,B,C,D
#
# COMPACT_ATOMS: atom_id res chain seq x y z
N ASN A 8 18.92 -11.29 -16.51
CA ASN A 8 19.00 -9.91 -17.15
C ASN A 8 17.66 -9.42 -17.83
N ALA A 9 17.42 -9.81 -19.10
CA ALA A 9 16.13 -9.52 -19.81
C ALA A 9 14.88 -10.04 -19.08
N THR A 10 15.04 -10.98 -18.14
CA THR A 10 13.87 -11.43 -17.28
C THR A 10 13.47 -10.45 -16.13
N ASN A 11 14.44 -9.74 -15.55
CA ASN A 11 14.13 -8.71 -14.48
C ASN A 11 13.29 -7.60 -14.99
N VAL A 12 13.66 -7.17 -16.20
CA VAL A 12 13.01 -6.04 -16.79
C VAL A 12 11.57 -6.41 -17.19
N LYS A 13 11.32 -7.67 -17.55
CA LYS A 13 9.94 -8.12 -17.88
C LYS A 13 9.10 -8.16 -16.65
N ALA A 14 9.64 -8.76 -15.61
CA ALA A 14 8.94 -8.76 -14.31
C ALA A 14 8.61 -7.33 -13.87
N MET A 15 9.58 -6.40 -13.96
CA MET A 15 9.35 -5.02 -13.49
C MET A 15 8.39 -4.27 -14.41
N LYS A 16 8.52 -4.53 -15.71
CA LYS A 16 7.54 -4.00 -16.69
C LYS A 16 6.12 -4.42 -16.35
N TYR A 17 5.97 -5.69 -16.02
CA TYR A 17 4.68 -6.19 -15.59
C TYR A 17 4.19 -5.47 -14.30
N LEU A 18 5.05 -5.36 -13.29
CA LEU A 18 4.63 -4.73 -12.00
C LEU A 18 4.22 -3.26 -12.18
N ILE A 19 4.98 -2.55 -13.00
CA ILE A 19 4.66 -1.17 -13.30
C ILE A 19 3.29 -1.04 -13.99
N GLU A 20 3.08 -1.83 -15.02
CA GLU A 20 1.81 -1.75 -15.72
C GLU A 20 0.67 -2.25 -14.88
N HIS A 21 0.96 -3.13 -13.92
CA HIS A 21 -0.10 -3.69 -13.07
C HIS A 21 -0.47 -2.69 -11.97
N TYR A 22 0.51 -2.06 -11.34
CA TYR A 22 0.22 -1.16 -10.21
C TYR A 22 -0.17 0.27 -10.60
N PHE A 23 0.23 0.73 -11.79
CA PHE A 23 -0.10 2.08 -12.25
C PHE A 23 -0.96 1.92 -13.49
N ASP A 24 -2.27 1.98 -13.25
CA ASP A 24 -3.31 1.61 -14.20
C ASP A 24 -3.17 2.03 -15.62
N ASN A 25 -2.83 3.30 -15.86
CA ASN A 25 -2.81 3.77 -17.24
C ASN A 25 -1.40 3.87 -17.83
N PHE A 26 -0.40 3.30 -17.16
CA PHE A 26 0.97 3.47 -17.59
C PHE A 26 1.39 2.40 -18.59
N LYS A 27 1.94 2.81 -19.74
CA LYS A 27 2.42 1.88 -20.74
C LYS A 27 3.93 1.93 -20.89
N VAL A 28 4.57 0.80 -20.69
CA VAL A 28 6.02 0.69 -20.84
C VAL A 28 6.39 0.34 -22.26
N ASP A 29 6.83 1.31 -23.05
CA ASP A 29 7.39 1.08 -24.39
C ASP A 29 8.86 0.69 -24.34
N SER A 30 9.61 1.10 -23.33
CA SER A 30 11.01 0.63 -23.17
C SER A 30 11.37 0.66 -21.72
N ILE A 31 12.34 -0.16 -21.33
CA ILE A 31 12.73 -0.28 -19.95
C ILE A 31 14.11 -0.90 -19.88
N GLU A 32 15.07 -0.22 -19.28
CA GLU A 32 16.40 -0.80 -19.07
C GLU A 32 16.86 -0.51 -17.66
N ILE A 33 17.73 -1.35 -17.14
CA ILE A 33 18.36 -1.18 -15.84
C ILE A 33 19.36 -0.01 -15.88
N ILE A 34 19.20 0.99 -15.00
CA ILE A 34 20.09 2.16 -15.02
C ILE A 34 21.00 2.20 -13.81
N GLY A 35 20.61 1.54 -12.73
CA GLY A 35 21.51 1.25 -11.65
C GLY A 35 20.94 0.29 -10.63
N SER A 36 21.81 -0.10 -9.71
CA SER A 36 21.37 -0.96 -8.62
C SER A 36 22.25 -0.85 -7.35
N GLY A 37 21.62 -1.11 -6.22
CA GLY A 37 22.29 -1.25 -4.96
C GLY A 37 22.35 -2.72 -4.70
N TYR A 38 22.37 -3.03 -3.41
CA TYR A 38 22.38 -4.41 -2.99
C TYR A 38 20.96 -4.92 -2.58
N ASP A 39 20.07 -3.97 -2.29
CA ASP A 39 18.70 -4.21 -1.91
C ASP A 39 17.70 -3.78 -2.99
N SER A 40 18.18 -3.14 -4.03
CA SER A 40 17.30 -2.38 -4.88
C SER A 40 17.74 -2.40 -6.32
N VAL A 41 16.81 -2.10 -7.23
CA VAL A 41 17.13 -1.92 -8.64
C VAL A 41 16.39 -0.74 -9.19
N ALA A 42 17.09 0.04 -10.01
CA ALA A 42 16.51 1.18 -10.72
C ALA A 42 16.51 1.03 -12.28
N TYR A 43 15.45 1.55 -12.87
CA TYR A 43 15.07 1.37 -14.25
C TYR A 43 14.77 2.70 -14.93
N LEU A 44 15.26 2.88 -16.14
CA LEU A 44 14.85 3.99 -17.01
C LEU A 44 13.77 3.51 -17.94
N VAL A 45 12.61 4.13 -17.87
CA VAL A 45 11.41 3.66 -18.59
C VAL A 45 11.01 4.72 -19.58
N ASN A 46 10.71 4.29 -20.82
CA ASN A 46 10.31 5.18 -21.91
C ASN A 46 11.31 6.31 -22.19
N ASN A 47 12.58 6.05 -21.89
CA ASN A 47 13.64 7.07 -21.95
C ASN A 47 13.31 8.40 -21.23
N GLU A 48 12.49 8.32 -20.20
CA GLU A 48 11.81 9.50 -19.64
C GLU A 48 11.60 9.42 -18.10
N TYR A 49 11.30 8.24 -17.55
CA TYR A 49 10.99 8.04 -16.16
C TYR A 49 12.01 7.18 -15.48
N ILE A 50 12.35 7.49 -14.22
CA ILE A 50 13.14 6.61 -13.41
C ILE A 50 12.13 5.88 -12.56
N PHE A 51 12.35 4.58 -12.35
CA PHE A 51 11.56 3.80 -11.45
C PHE A 51 12.52 3.08 -10.53
N LYS A 52 12.52 3.46 -9.25
CA LYS A 52 13.33 2.83 -8.20
C LYS A 52 12.47 1.72 -7.60
N THR A 53 13.04 0.55 -7.36
CA THR A 53 12.24 -0.54 -6.85
C THR A 53 13.02 -1.31 -5.82
N LYS A 54 12.28 -1.95 -4.94
CA LYS A 54 12.84 -2.68 -3.86
C LYS A 54 11.87 -3.76 -3.42
N PHE A 55 12.35 -4.95 -3.12
CA PHE A 55 11.51 -5.97 -2.43
C PHE A 55 11.83 -6.01 -0.94
N SER A 56 10.97 -6.56 -0.06
CA SER A 56 11.13 -6.49 1.45
C SER A 56 12.55 -6.58 2.00
N THR A 57 13.03 -5.54 2.70
CA THR A 57 14.43 -5.46 3.20
C THR A 57 14.63 -4.43 4.34
N ASN A 58 14.49 -4.85 5.60
CA ASN A 58 14.77 -3.98 6.75
C ASN A 58 14.21 -2.54 6.52
N LYS A 59 12.93 -2.45 6.12
CA LYS A 59 12.25 -1.23 5.64
C LYS A 59 11.31 -0.72 6.70
N GLY A 62 11.00 1.35 4.41
CA GLY A 62 11.33 1.23 2.92
C GLY A 62 11.30 2.55 2.11
N TYR A 63 10.60 2.51 0.95
CA TYR A 63 10.43 3.79 0.19
C TYR A 63 9.36 4.81 0.64
N ALA A 64 8.68 4.54 1.75
CA ALA A 64 7.78 5.50 2.35
C ALA A 64 8.53 6.76 2.81
N LYS A 65 9.63 6.62 3.57
CA LYS A 65 10.32 7.83 4.03
C LYS A 65 10.84 8.63 2.90
N GLU A 66 11.40 7.94 1.92
CA GLU A 66 11.98 8.63 0.78
C GLU A 66 10.92 9.45 0.03
N LYS A 67 9.72 8.89 -0.12
CA LYS A 67 8.63 9.61 -0.73
C LYS A 67 8.20 10.84 0.11
N ALA A 68 8.08 10.66 1.43
CA ALA A 68 7.69 11.75 2.31
C ALA A 68 8.74 12.86 2.22
N ILE A 69 9.99 12.49 2.00
CA ILE A 69 11.04 13.47 1.86
C ILE A 69 10.95 14.22 0.56
N TYR A 70 10.70 13.53 -0.55
CA TYR A 70 10.52 14.27 -1.80
C TYR A 70 9.29 15.21 -1.71
N ASN A 71 8.25 14.82 -1.03
CA ASN A 71 7.05 15.57 -1.00
C ASN A 71 7.29 16.83 -0.15
N PHE A 72 7.97 16.66 0.99
CA PHE A 72 8.34 17.77 1.84
C PHE A 72 9.22 18.75 1.09
N LEU A 73 10.22 18.23 0.36
CA LEU A 73 11.18 19.11 -0.31
C LEU A 73 10.53 19.84 -1.49
N ASN A 74 9.67 19.17 -2.27
CA ASN A 74 9.08 19.81 -3.47
C ASN A 74 8.07 20.88 -3.03
N THR A 75 7.45 20.72 -1.88
CA THR A 75 6.70 21.80 -1.22
C THR A 75 7.57 22.98 -0.70
N ASN A 76 8.70 22.72 -0.06
CA ASN A 76 9.35 23.74 0.77
C ASN A 76 10.62 24.34 0.19
N LEU A 77 11.33 23.65 -0.70
CA LEU A 77 12.58 24.18 -1.19
C LEU A 77 12.36 25.30 -2.20
N GLU A 78 13.16 26.35 -2.11
CA GLU A 78 13.29 27.30 -3.22
C GLU A 78 14.69 27.17 -3.80
N THR A 79 14.73 26.71 -5.05
CA THR A 79 15.97 26.41 -5.70
C THR A 79 15.67 26.09 -7.15
N ASN A 80 16.61 26.42 -8.01
CA ASN A 80 16.58 25.99 -9.40
C ASN A 80 17.14 24.60 -9.59
N VAL A 81 17.71 23.99 -8.57
CA VAL A 81 18.25 22.65 -8.66
C VAL A 81 17.09 21.66 -8.61
N LYS A 82 17.08 20.72 -9.57
CA LYS A 82 15.98 19.76 -9.66
C LYS A 82 16.22 18.58 -8.78
N ILE A 83 15.14 18.08 -8.21
CA ILE A 83 15.16 16.83 -7.47
C ILE A 83 14.00 15.95 -7.93
N PRO A 84 14.03 14.66 -7.54
CA PRO A 84 12.88 13.81 -7.94
C PRO A 84 11.56 14.37 -7.47
N ASN A 85 10.57 14.31 -8.32
CA ASN A 85 9.22 14.64 -7.98
C ASN A 85 8.34 13.41 -8.29
N ILE A 86 7.85 12.79 -7.23
CA ILE A 86 7.24 11.48 -7.37
C ILE A 86 5.84 11.56 -7.99
N GLU A 87 5.69 10.98 -9.18
CA GLU A 87 4.38 10.85 -9.81
C GLU A 87 3.73 9.51 -9.53
N TYR A 88 4.51 8.45 -9.34
CA TYR A 88 3.96 7.10 -9.17
C TYR A 88 4.59 6.50 -7.93
N SER A 89 3.77 5.98 -7.06
CA SER A 89 4.32 5.28 -5.93
C SER A 89 3.42 4.09 -5.62
N TYR A 90 4.05 2.97 -5.28
CA TYR A 90 3.35 1.83 -4.69
C TYR A 90 4.21 1.34 -3.57
N ILE A 91 3.63 1.23 -2.38
CA ILE A 91 4.37 0.94 -1.19
C ILE A 91 3.63 -0.08 -0.36
N SER A 92 4.26 -1.24 -0.18
CA SER A 92 3.75 -2.36 0.60
C SER A 92 4.94 -2.93 1.31
N ASP A 93 4.69 -3.82 2.24
CA ASP A 93 5.76 -4.52 3.01
C ASP A 93 6.74 -5.26 2.07
N GLU A 94 6.20 -5.86 1.02
CA GLU A 94 6.90 -6.80 0.22
C GLU A 94 7.53 -6.11 -0.98
N LEU A 95 7.01 -4.94 -1.38
CA LEU A 95 7.41 -4.31 -2.63
C LEU A 95 7.20 -2.83 -2.59
N SER A 96 8.14 -2.07 -3.09
CA SER A 96 8.00 -0.58 -3.16
C SER A 96 8.54 -0.07 -4.47
N ILE A 97 7.76 0.79 -5.11
CA ILE A 97 8.14 1.38 -6.36
C ILE A 97 7.91 2.90 -6.27
N LEU A 98 8.89 3.69 -6.73
CA LEU A 98 8.77 5.15 -6.86
C LEU A 98 9.10 5.47 -8.29
N GLY A 99 8.20 6.15 -8.96
CA GLY A 99 8.51 6.69 -10.28
C GLY A 99 8.46 8.20 -10.36
N TYR A 100 9.39 8.77 -11.12
CA TYR A 100 9.47 10.20 -11.33
C TYR A 100 10.19 10.46 -12.64
N LYS A 101 10.05 11.68 -13.18
CA LYS A 101 10.78 12.01 -14.41
C LYS A 101 12.27 12.13 -14.21
N GLU A 102 13.01 11.51 -15.10
CA GLU A 102 14.47 11.48 -15.09
C GLU A 102 14.91 12.94 -15.14
N ILE A 103 15.81 13.32 -14.24
CA ILE A 103 16.48 14.61 -14.35
C ILE A 103 17.61 14.44 -15.31
N LYS A 104 17.69 15.31 -16.30
CA LYS A 104 18.72 15.18 -17.35
C LYS A 104 20.00 15.86 -16.98
N GLY A 105 21.11 15.24 -17.30
CA GLY A 105 22.40 15.85 -17.04
C GLY A 105 23.45 14.80 -17.02
N THR A 106 24.64 15.21 -16.63
CA THR A 106 25.83 14.35 -16.54
C THR A 106 26.29 14.30 -15.08
N PHE A 107 26.55 13.11 -14.57
CA PHE A 107 26.94 12.97 -13.21
C PHE A 107 28.36 13.45 -13.01
N LEU A 108 28.57 14.19 -11.93
CA LEU A 108 29.89 14.69 -11.60
C LEU A 108 30.86 13.57 -11.29
N THR A 109 32.06 13.68 -11.81
CA THR A 109 33.09 12.72 -11.52
C THR A 109 34.38 13.50 -11.37
N PRO A 110 35.41 12.87 -10.78
CA PRO A 110 36.75 13.43 -10.75
C PRO A 110 37.29 13.83 -12.09
N GLU A 111 37.12 12.98 -13.08
CA GLU A 111 37.61 13.24 -14.43
C GLU A 111 37.01 14.51 -15.01
N ILE A 112 35.69 14.66 -14.92
CA ILE A 112 35.02 15.86 -15.45
C ILE A 112 35.53 17.12 -14.75
N TYR A 113 35.64 17.02 -13.42
CA TYR A 113 36.07 18.13 -12.60
C TYR A 113 37.44 18.64 -12.99
N SER A 114 38.35 17.73 -13.27
CA SER A 114 39.70 18.10 -13.65
C SER A 114 39.78 18.78 -15.03
N THR A 115 38.75 18.62 -15.88
CA THR A 115 38.66 19.39 -17.13
C THR A 115 38.02 20.79 -16.96
N MET A 116 37.33 21.07 -15.85
CA MET A 116 36.72 22.37 -15.68
C MET A 116 37.79 23.45 -15.44
N SER A 117 37.56 24.66 -15.93
CA SER A 117 38.40 25.85 -15.59
C SER A 117 38.26 26.13 -14.09
N GLU A 118 39.22 26.82 -13.51
CA GLU A 118 39.12 27.24 -12.11
C GLU A 118 37.78 27.93 -11.76
N GLU A 119 37.31 28.81 -12.66
CA GLU A 119 36.07 29.54 -12.41
C GLU A 119 34.88 28.58 -12.52
N GLU A 120 34.88 27.67 -13.48
CA GLU A 120 33.84 26.63 -13.52
C GLU A 120 33.75 25.82 -12.22
N GLN A 121 34.90 25.46 -11.68
CA GLN A 121 34.92 24.73 -10.46
C GLN A 121 34.35 25.52 -9.29
N ASN A 122 34.77 26.77 -9.19
CA ASN A 122 34.27 27.66 -8.18
C ASN A 122 32.75 27.78 -8.28
N LEU A 123 32.21 27.94 -9.49
CA LEU A 123 30.74 28.11 -9.61
C LEU A 123 30.02 26.81 -9.11
N LEU A 124 30.58 25.63 -9.46
CA LEU A 124 30.01 24.40 -9.00
C LEU A 124 30.03 24.29 -7.47
N LYS A 125 31.18 24.65 -6.87
CA LYS A 125 31.28 24.59 -5.41
C LYS A 125 30.27 25.55 -4.81
N ARG A 126 30.07 26.73 -5.37
CA ARG A 126 29.08 27.67 -4.84
C ARG A 126 27.71 27.12 -5.01
N ASP A 127 27.42 26.54 -6.15
CA ASP A 127 26.10 25.93 -6.34
C ASP A 127 25.78 24.91 -5.23
N ILE A 128 26.77 24.09 -4.90
CA ILE A 128 26.61 23.06 -3.90
C ILE A 128 26.45 23.67 -2.50
N ALA A 129 27.29 24.61 -2.16
CA ALA A 129 27.18 25.28 -0.87
C ALA A 129 25.84 25.95 -0.75
N SER A 130 25.37 26.56 -1.83
CA SER A 130 24.05 27.21 -1.81
C SER A 130 22.89 26.23 -1.64
N PHE A 131 22.97 25.09 -2.30
CA PHE A 131 21.95 24.07 -2.14
C PHE A 131 21.88 23.58 -0.69
N LEU A 132 23.03 23.21 -0.18
CA LEU A 132 23.11 22.66 1.17
C LEU A 132 22.66 23.72 2.18
N ARG A 133 23.02 24.97 1.96
CA ARG A 133 22.62 26.01 2.88
C ARG A 133 21.09 26.12 2.84
N GLN A 134 20.50 26.09 1.67
CA GLN A 134 19.08 26.21 1.60
C GLN A 134 18.35 25.01 2.26
N MET A 135 18.85 23.78 2.08
CA MET A 135 18.18 22.61 2.64
C MET A 135 18.39 22.56 4.16
N HIS A 136 19.61 22.80 4.58
CA HIS A 136 19.95 22.77 6.00
C HIS A 136 19.18 23.84 6.76
N GLY A 137 18.80 24.90 6.05
CA GLY A 137 18.01 25.95 6.63
C GLY A 137 16.52 25.74 6.68
N LEU A 138 15.96 24.65 6.17
CA LEU A 138 14.54 24.50 6.21
C LEU A 138 14.00 24.25 7.61
N ASP A 139 12.85 24.82 7.87
CA ASP A 139 12.07 24.46 9.01
C ASP A 139 11.54 23.04 8.69
N TYR A 140 12.05 22.09 9.47
CA TYR A 140 11.79 20.69 9.25
C TYR A 140 10.68 20.13 10.12
N THR A 141 9.84 20.99 10.68
CA THR A 141 8.82 20.53 11.63
C THR A 141 7.91 19.49 10.97
N ASP A 142 7.54 19.77 9.72
CA ASP A 142 6.60 18.93 8.99
C ASP A 142 7.17 17.53 8.63
N ILE A 143 8.50 17.36 8.64
CA ILE A 143 9.14 16.10 8.40
C ILE A 143 9.85 15.60 9.65
N SER A 144 9.32 15.93 10.83
CA SER A 144 10.07 15.73 12.05
C SER A 144 10.23 14.27 12.46
N GLU A 145 9.31 13.43 12.04
CA GLU A 145 9.39 11.96 12.17
C GLU A 145 10.71 11.41 11.60
N CYS A 146 11.30 12.07 10.59
CA CYS A 146 12.57 11.63 9.97
C CYS A 146 13.82 11.99 10.74
N THR A 147 13.84 11.81 12.05
CA THR A 147 15.10 12.03 12.83
C THR A 147 15.97 10.82 12.77
N ILE A 148 17.27 11.05 12.84
CA ILE A 148 18.28 10.00 12.82
C ILE A 148 19.36 10.39 13.83
N ASP A 149 19.64 9.53 14.78
CA ASP A 149 20.68 9.72 15.77
C ASP A 149 21.81 8.71 15.42
N ASN A 150 22.87 9.17 14.76
CA ASN A 150 23.98 8.31 14.37
C ASN A 150 24.72 7.70 15.56
N LYS A 151 24.86 8.45 16.63
CA LYS A 151 25.60 7.94 17.80
C LYS A 151 24.85 6.80 18.44
N GLN A 152 23.58 7.06 18.71
CA GLN A 152 22.71 6.02 19.28
C GLN A 152 22.60 4.78 18.40
N ASN A 153 22.50 4.98 17.09
CA ASN A 153 22.45 3.87 16.14
C ASN A 153 23.67 2.99 16.27
N VAL A 154 24.84 3.61 16.39
CA VAL A 154 26.10 2.86 16.55
C VAL A 154 26.09 2.10 17.85
N LEU A 155 25.65 2.74 18.93
CA LEU A 155 25.59 2.01 20.19
C LEU A 155 24.72 0.79 20.07
N GLU A 156 23.56 0.94 19.45
CA GLU A 156 22.63 -0.20 19.25
C GLU A 156 23.22 -1.28 18.37
N GLU A 157 23.95 -0.89 17.35
CA GLU A 157 24.65 -1.82 16.49
C GLU A 157 25.76 -2.54 17.24
N TYR A 158 26.48 -1.83 18.13
CA TYR A 158 27.48 -2.46 18.95
C TYR A 158 26.82 -3.46 19.87
N ILE A 159 25.67 -3.15 20.41
CA ILE A 159 25.01 -4.13 21.24
C ILE A 159 24.62 -5.41 20.48
N LEU A 160 24.15 -5.24 19.24
CA LEU A 160 23.87 -6.37 18.37
C LEU A 160 25.12 -7.22 18.14
N LEU A 161 26.28 -6.57 17.90
CA LEU A 161 27.56 -7.31 17.81
C LEU A 161 27.80 -8.12 19.05
N ARG A 162 27.62 -7.52 20.22
CA ARG A 162 27.88 -8.23 21.48
C ARG A 162 26.95 -9.40 21.65
N GLU A 163 25.70 -9.26 21.19
CA GLU A 163 24.71 -10.31 21.29
C GLU A 163 24.87 -11.45 20.26
N THR A 164 25.67 -11.24 19.21
CA THR A 164 25.80 -12.19 18.11
C THR A 164 27.22 -12.71 17.98
N ILE A 165 28.02 -12.09 17.15
CA ILE A 165 29.36 -12.63 16.84
C ILE A 165 30.58 -12.11 17.58
N TYR A 166 30.43 -11.15 18.48
CA TYR A 166 31.61 -10.49 19.05
C TYR A 166 32.57 -11.48 19.69
N ASN A 167 32.05 -12.44 20.43
CA ASN A 167 32.91 -13.38 21.15
C ASN A 167 33.70 -14.31 20.24
N ASP A 168 33.26 -14.52 19.00
CA ASP A 168 34.11 -15.22 18.04
C ASP A 168 35.08 -14.38 17.23
N LEU A 169 35.17 -13.09 17.46
CA LEU A 169 36.07 -12.29 16.63
C LEU A 169 37.48 -12.50 17.13
N THR A 170 38.48 -12.21 16.31
CA THR A 170 39.86 -12.19 16.80
C THR A 170 40.13 -10.99 17.74
N ASP A 171 41.25 -11.08 18.44
CA ASP A 171 41.72 -9.99 19.29
C ASP A 171 41.95 -8.72 18.47
N ILE A 172 42.60 -8.83 17.30
CA ILE A 172 42.82 -7.67 16.45
C ILE A 172 41.50 -6.99 16.04
N GLU A 173 40.48 -7.78 15.79
CA GLU A 173 39.17 -7.28 15.40
C GLU A 173 38.46 -6.62 16.57
N LYS A 174 38.48 -7.30 17.69
CA LYS A 174 37.98 -6.69 18.94
C LYS A 174 38.68 -5.38 19.28
N ASP A 175 40.02 -5.31 19.18
CA ASP A 175 40.69 -4.08 19.47
C ASP A 175 40.28 -2.97 18.51
N TYR A 176 40.13 -3.25 17.23
CA TYR A 176 39.66 -2.23 16.30
C TYR A 176 38.30 -1.66 16.74
N ILE A 177 37.40 -2.54 17.11
CA ILE A 177 36.05 -2.13 17.48
C ILE A 177 36.07 -1.34 18.80
N GLU A 178 36.74 -1.84 19.82
CA GLU A 178 36.79 -1.17 21.13
C GLU A 178 37.48 0.16 21.01
N SER A 179 38.47 0.24 20.17
CA SER A 179 39.17 1.48 19.98
C SER A 179 38.25 2.51 19.28
N PHE A 180 37.46 2.06 18.32
CA PHE A 180 36.45 2.89 17.72
C PHE A 180 35.46 3.39 18.77
N MET A 181 34.94 2.50 19.61
CA MET A 181 33.99 2.87 20.64
C MET A 181 34.59 3.87 21.68
N GLU A 182 35.83 3.69 22.03
CA GLU A 182 36.57 4.67 22.86
C GLU A 182 36.57 6.08 22.18
N ARG A 183 36.84 6.10 20.91
CA ARG A 183 36.78 7.33 20.17
C ARG A 183 35.37 7.94 20.10
N LEU A 184 34.38 7.10 19.85
CA LEU A 184 32.98 7.54 19.85
C LEU A 184 32.57 8.19 21.15
N ASN A 185 33.04 7.66 22.24
CA ASN A 185 32.67 8.11 23.54
C ASN A 185 33.35 9.46 23.88
N ALA A 186 34.56 9.69 23.33
CA ALA A 186 35.32 10.94 23.57
C ALA A 186 34.94 12.08 22.63
N THR A 187 34.43 11.78 21.44
CA THR A 187 34.23 12.84 20.47
C THR A 187 33.10 13.77 20.92
N THR A 188 33.14 15.00 20.43
CA THR A 188 32.03 15.94 20.59
C THR A 188 31.27 16.19 19.31
N VAL A 189 31.63 15.53 18.20
CA VAL A 189 31.07 15.91 16.92
C VAL A 189 29.60 15.58 16.72
N PHE A 190 28.96 14.85 17.62
CA PHE A 190 27.46 14.67 17.56
C PHE A 190 26.66 15.70 18.35
N GLU A 191 27.33 16.65 18.96
CA GLU A 191 26.64 17.58 19.86
C GLU A 191 26.30 18.90 19.19
N GLY A 192 26.43 18.99 17.87
CA GLY A 192 26.27 20.23 17.13
C GLY A 192 24.87 20.40 16.51
N LYS A 193 24.78 21.33 15.58
CA LYS A 193 23.55 21.64 14.94
C LYS A 193 23.02 20.38 14.14
N LYS A 194 21.73 20.13 14.35
CA LYS A 194 20.93 19.16 13.68
C LYS A 194 20.08 19.89 12.63
N CYS A 195 19.99 19.29 11.45
CA CYS A 195 19.15 19.78 10.43
C CYS A 195 18.83 18.70 9.38
N LEU A 196 17.95 18.98 8.46
CA LEU A 196 17.64 18.11 7.36
C LEU A 196 18.79 17.98 6.38
N CYS A 197 19.36 16.79 6.25
CA CYS A 197 20.48 16.50 5.37
C CYS A 197 20.16 15.43 4.34
N HIS A 198 20.80 15.55 3.19
CA HIS A 198 20.67 14.62 2.12
C HIS A 198 21.12 13.26 2.66
N ASN A 199 22.30 13.24 3.26
CA ASN A 199 22.87 12.15 4.07
C ASN A 199 23.46 11.09 3.21
N ASP A 200 23.61 11.34 1.91
CA ASP A 200 24.44 10.47 1.05
C ASP A 200 24.94 11.29 -0.11
N PHE A 201 25.58 12.41 0.23
CA PHE A 201 25.85 13.50 -0.69
C PHE A 201 27.17 13.32 -1.39
N SER A 202 27.22 12.33 -2.25
CA SER A 202 28.43 11.94 -2.98
C SER A 202 28.30 12.40 -4.37
N CYS A 203 29.39 12.47 -5.10
CA CYS A 203 29.28 13.10 -6.44
C CYS A 203 28.57 12.25 -7.49
N ASN A 204 28.41 10.97 -7.25
CA ASN A 204 27.51 10.14 -8.08
C ASN A 204 25.99 10.45 -7.91
N HIS A 205 25.64 11.39 -7.05
CA HIS A 205 24.26 11.85 -6.94
C HIS A 205 24.08 13.29 -7.40
N LEU A 206 25.09 13.88 -8.01
CA LEU A 206 25.04 15.27 -8.41
C LEU A 206 25.11 15.37 -9.91
N LEU A 207 24.14 16.07 -10.49
CA LEU A 207 24.03 16.19 -11.93
C LEU A 207 24.44 17.58 -12.41
N LEU A 208 25.23 17.58 -13.48
CA LEU A 208 25.63 18.78 -14.20
C LEU A 208 24.89 19.00 -15.50
N ASP A 209 24.62 20.28 -15.82
CA ASP A 209 24.10 20.69 -17.11
C ASP A 209 25.24 20.94 -18.08
N GLY A 210 24.93 21.42 -19.29
CA GLY A 210 25.92 21.60 -20.33
C GLY A 210 26.93 22.73 -20.10
N ASN A 211 26.74 23.52 -19.06
CA ASN A 211 27.75 24.49 -18.64
C ASN A 211 28.52 24.04 -17.39
N ASN A 212 28.44 22.75 -17.05
CA ASN A 212 29.03 22.19 -15.84
C ASN A 212 28.57 22.87 -14.52
N ARG A 213 27.34 23.34 -14.53
CA ARG A 213 26.69 23.86 -13.34
C ARG A 213 25.79 22.80 -12.75
N LEU A 214 25.52 22.92 -11.46
CA LEU A 214 24.74 21.93 -10.77
C LEU A 214 23.31 22.10 -11.25
N THR A 215 22.75 21.04 -11.86
CA THR A 215 21.40 21.10 -12.33
C THR A 215 20.42 20.22 -11.60
N GLY A 216 20.93 19.18 -10.94
CA GLY A 216 20.06 18.35 -10.14
C GLY A 216 20.75 17.49 -9.13
N ILE A 217 19.94 16.97 -8.21
CA ILE A 217 20.42 16.08 -7.17
C ILE A 217 19.39 14.94 -6.99
N ILE A 218 19.87 13.73 -6.77
CA ILE A 218 19.01 12.56 -6.63
C ILE A 218 19.36 11.81 -5.38
N ASP A 219 18.52 10.83 -5.11
CA ASP A 219 18.71 9.83 -4.05
C ASP A 219 18.76 10.48 -2.67
N PHE A 220 17.60 10.93 -2.22
CA PHE A 220 17.40 11.46 -0.88
C PHE A 220 16.87 10.33 0.00
N GLY A 221 17.15 9.09 -0.44
CA GLY A 221 16.74 7.94 0.29
C GLY A 221 17.28 7.78 1.67
N ASP A 222 18.40 8.44 2.06
CA ASP A 222 18.87 8.32 3.41
C ASP A 222 18.65 9.57 4.23
N SER A 223 17.85 10.49 3.68
CA SER A 223 17.69 11.80 4.29
C SER A 223 16.98 11.78 5.61
N GLY A 224 17.37 12.74 6.42
CA GLY A 224 16.78 12.89 7.73
C GLY A 224 17.33 14.09 8.49
N ILE A 225 16.80 14.27 9.66
CA ILE A 225 17.23 15.33 10.54
C ILE A 225 18.34 14.71 11.32
N ILE A 226 19.54 15.22 11.14
CA ILE A 226 20.75 14.59 11.62
C ILE A 226 21.82 15.66 11.74
N ASP A 227 23.03 15.31 12.18
CA ASP A 227 24.13 16.33 12.24
C ASP A 227 24.37 17.01 10.89
N GLU A 228 24.37 18.34 10.91
CA GLU A 228 24.81 19.18 9.81
C GLU A 228 26.12 18.72 9.13
N TYR A 229 27.06 18.23 9.93
CA TYR A 229 28.31 17.68 9.36
C TYR A 229 28.11 16.54 8.32
N CYS A 230 27.01 15.80 8.43
CA CYS A 230 26.70 14.62 7.54
C CYS A 230 26.86 14.89 6.07
N ASP A 231 26.42 16.07 5.61
CA ASP A 231 26.47 16.34 4.22
C ASP A 231 27.81 16.72 3.68
N PHE A 232 28.87 16.69 4.48
CA PHE A 232 30.20 16.99 3.95
C PHE A 232 31.12 15.79 3.95
N ILE A 233 30.65 14.65 4.38
CA ILE A 233 31.42 13.42 4.54
C ILE A 233 32.03 12.96 3.25
N TYR A 234 31.30 13.06 2.15
CA TYR A 234 31.86 12.57 0.86
C TYR A 234 32.61 13.67 0.15
N LEU A 235 32.12 14.92 0.33
CA LEU A 235 32.81 16.08 -0.20
C LEU A 235 34.18 16.19 0.37
N LEU A 236 34.41 15.72 1.60
CA LEU A 236 35.74 15.72 2.19
C LEU A 236 36.58 14.49 1.93
N GLU A 237 36.05 13.52 1.20
CA GLU A 237 36.74 12.21 1.08
C GLU A 237 37.84 12.27 0.03
N ASP A 238 38.94 11.67 0.40
CA ASP A 238 40.06 11.48 -0.46
C ASP A 238 39.97 10.03 -1.00
N SER A 239 39.37 9.85 -2.19
CA SER A 239 39.29 8.51 -2.83
C SER A 239 39.16 8.67 -4.33
N GLU A 240 39.25 7.56 -5.06
CA GLU A 240 39.03 7.56 -6.49
C GLU A 240 37.63 7.96 -6.95
N GLU A 241 36.63 7.82 -6.11
CA GLU A 241 35.25 8.11 -6.50
C GLU A 241 34.84 9.55 -6.26
N GLU A 242 35.54 10.22 -5.33
CA GLU A 242 35.17 11.60 -4.98
C GLU A 242 36.31 12.50 -5.44
N ILE A 243 36.05 13.79 -5.38
CA ILE A 243 36.91 14.79 -5.97
C ILE A 243 38.13 15.07 -5.22
N GLY A 244 38.01 15.27 -3.91
CA GLY A 244 39.18 15.50 -3.01
C GLY A 244 38.83 16.33 -1.76
N THR A 245 39.64 16.17 -0.72
CA THR A 245 39.52 16.96 0.50
C THR A 245 39.43 18.50 0.25
N ASN A 246 40.19 19.01 -0.72
CA ASN A 246 40.20 20.45 -1.04
C ASN A 246 38.90 21.00 -1.55
N PHE A 247 38.23 20.18 -2.35
CA PHE A 247 36.87 20.47 -2.82
C PHE A 247 35.91 20.64 -1.66
N GLY A 248 35.92 19.71 -0.72
CA GLY A 248 35.03 19.81 0.44
C GLY A 248 35.36 20.98 1.38
N GLU A 249 36.66 21.18 1.60
CA GLU A 249 37.12 22.36 2.33
C GLU A 249 36.60 23.68 1.75
N ASP A 250 36.79 23.88 0.45
CA ASP A 250 36.33 25.10 -0.17
C ASP A 250 34.82 25.25 -0.07
N ILE A 251 34.10 24.14 -0.27
CA ILE A 251 32.66 24.16 -0.12
C ILE A 251 32.26 24.52 1.31
N LEU A 252 32.94 23.95 2.28
CA LEU A 252 32.69 24.33 3.66
C LEU A 252 32.94 25.85 3.91
N ARG A 253 33.97 26.40 3.31
CA ARG A 253 34.21 27.83 3.44
C ARG A 253 33.13 28.65 2.82
N MET A 254 32.69 28.29 1.64
CA MET A 254 31.61 28.99 0.99
C MET A 254 30.33 28.83 1.74
N TYR A 255 30.07 27.67 2.31
CA TYR A 255 28.87 27.42 3.08
C TYR A 255 28.85 28.29 4.34
N GLY A 256 29.97 28.43 5.02
CA GLY A 256 30.14 29.26 6.22
C GLY A 256 29.54 28.79 7.51
N ASN A 257 29.91 29.39 8.62
CA ASN A 257 29.28 29.13 9.91
C ASN A 257 29.32 27.68 10.24
N ILE A 258 30.51 27.09 10.10
CA ILE A 258 30.66 25.69 10.43
C ILE A 258 32.08 25.37 10.73
N ASP A 259 32.30 24.56 11.74
CA ASP A 259 33.60 24.21 12.22
C ASP A 259 34.18 23.14 11.29
N ILE A 260 35.12 23.55 10.45
CA ILE A 260 35.69 22.67 9.42
C ILE A 260 36.46 21.49 10.02
N GLU A 261 37.16 21.73 11.16
CA GLU A 261 37.97 20.69 11.75
C GLU A 261 37.03 19.57 12.27
N LYS A 262 35.88 19.94 12.83
CA LYS A 262 34.92 18.95 13.26
C LYS A 262 34.20 18.26 12.14
N ALA A 263 33.93 18.96 11.05
CA ALA A 263 33.46 18.29 9.85
C ALA A 263 34.43 17.20 9.43
N LYS A 264 35.72 17.47 9.53
CA LYS A 264 36.70 16.48 9.15
C LYS A 264 36.82 15.35 10.15
N GLU A 265 36.66 15.68 11.42
CA GLU A 265 36.64 14.66 12.45
C GLU A 265 35.45 13.74 12.23
N TYR A 266 34.26 14.29 12.01
CA TYR A 266 33.07 13.55 11.71
C TYR A 266 33.33 12.61 10.54
N GLN A 267 33.88 13.12 9.42
CA GLN A 267 34.18 12.28 8.29
C GLN A 267 35.12 11.15 8.67
N ASP A 268 36.13 11.46 9.49
CA ASP A 268 37.15 10.50 9.83
C ASP A 268 36.57 9.38 10.70
N ILE A 269 35.68 9.75 11.61
CA ILE A 269 35.03 8.78 12.46
C ILE A 269 34.13 7.84 11.65
N VAL A 270 33.35 8.38 10.73
CA VAL A 270 32.50 7.55 9.83
C VAL A 270 33.36 6.64 8.99
N GLU A 271 34.50 7.14 8.51
CA GLU A 271 35.43 6.27 7.76
C GLU A 271 35.96 5.11 8.65
N GLU A 272 36.26 5.41 9.93
CA GLU A 272 36.74 4.40 10.82
C GLU A 272 35.65 3.38 11.06
N TYR A 273 34.41 3.83 11.15
CA TYR A 273 33.28 2.92 11.38
C TYR A 273 32.95 1.96 10.20
N TYR A 274 33.37 2.28 8.97
CA TYR A 274 32.90 1.59 7.79
C TYR A 274 33.01 0.05 7.82
N PRO A 275 34.14 -0.52 8.21
CA PRO A 275 34.19 -1.96 8.34
C PRO A 275 33.22 -2.55 9.34
N ILE A 276 32.89 -1.81 10.40
CA ILE A 276 32.01 -2.33 11.45
C ILE A 276 30.60 -2.24 10.88
N GLU A 277 30.30 -1.15 10.19
CA GLU A 277 29.00 -0.96 9.53
C GLU A 277 28.72 -2.15 8.56
N THR A 278 29.78 -2.55 7.86
CA THR A 278 29.74 -3.57 6.86
C THR A 278 29.43 -4.91 7.58
N ILE A 279 30.10 -5.16 8.70
CA ILE A 279 29.86 -6.37 9.49
C ILE A 279 28.41 -6.42 9.95
N VAL A 280 27.95 -5.27 10.42
CA VAL A 280 26.61 -5.15 10.98
C VAL A 280 25.52 -5.38 9.91
N TYR A 281 25.74 -4.86 8.70
CA TYR A 281 24.83 -5.08 7.59
C TYR A 281 24.72 -6.58 7.32
N GLY A 282 25.85 -7.29 7.37
CA GLY A 282 25.90 -8.73 7.20
C GLY A 282 25.15 -9.50 8.29
N ILE A 283 25.20 -9.04 9.53
CA ILE A 283 24.49 -9.70 10.60
C ILE A 283 22.99 -9.53 10.42
N LYS A 284 22.59 -8.29 10.22
CA LYS A 284 21.20 -7.94 10.10
C LYS A 284 20.51 -8.58 8.90
N ASN A 285 21.21 -8.77 7.80
CA ASN A 285 20.64 -9.27 6.56
C ASN A 285 21.15 -10.71 6.28
N ILE A 286 21.69 -11.35 7.30
CA ILE A 286 22.12 -12.74 7.24
C ILE A 286 22.95 -12.97 5.97
N LYS A 287 23.98 -12.14 5.77
CA LYS A 287 24.94 -12.34 4.68
C LYS A 287 26.37 -12.43 5.16
N GLN A 288 26.84 -13.66 5.33
CA GLN A 288 28.20 -13.96 5.80
C GLN A 288 29.28 -13.18 5.03
N GLU A 289 29.08 -13.01 3.76
CA GLU A 289 30.02 -12.34 2.86
C GLU A 289 30.36 -10.92 3.35
N PHE A 290 29.36 -10.20 3.86
CA PHE A 290 29.61 -8.87 4.38
C PHE A 290 30.38 -8.93 5.72
N ILE A 291 30.07 -9.92 6.54
CA ILE A 291 30.74 -10.09 7.82
C ILE A 291 32.23 -10.32 7.53
N GLU A 292 32.53 -11.19 6.57
CA GLU A 292 33.91 -11.49 6.25
C GLU A 292 34.62 -10.29 5.60
N ASN A 293 33.96 -9.54 4.70
CA ASN A 293 34.59 -8.35 4.08
C ASN A 293 34.95 -7.27 5.15
N GLY A 294 34.08 -7.05 6.10
CA GLY A 294 34.32 -6.08 7.17
C GLY A 294 35.49 -6.48 8.04
N ARG A 295 35.56 -7.76 8.37
CA ARG A 295 36.60 -8.26 9.20
C ARG A 295 37.93 -8.18 8.50
N LYS A 296 37.96 -8.58 7.24
CA LYS A 296 39.17 -8.46 6.45
C LYS A 296 39.62 -7.00 6.29
N GLU A 297 38.66 -6.10 6.13
CA GLU A 297 38.94 -4.67 5.99
C GLU A 297 39.62 -4.11 7.30
N ILE A 298 39.26 -4.68 8.43
CA ILE A 298 39.90 -4.33 9.68
C ILE A 298 41.38 -4.70 9.66
N TYR A 299 41.72 -5.91 9.14
CA TYR A 299 43.10 -6.27 8.99
C TYR A 299 43.81 -5.34 8.02
N LYS A 300 43.15 -4.98 6.93
CA LYS A 300 43.82 -4.13 5.97
C LYS A 300 44.18 -2.76 6.57
N ARG A 301 43.23 -2.19 7.28
CA ARG A 301 43.44 -0.91 7.94
C ARG A 301 44.49 -0.99 9.05
N THR A 302 44.46 -2.04 9.87
CA THR A 302 45.43 -2.26 10.91
C THR A 302 46.85 -2.34 10.39
N TYR A 303 47.09 -2.86 9.18
CA TYR A 303 48.44 -3.13 8.67
C TYR A 303 48.97 -2.10 7.71
N LYS A 304 48.13 -1.13 7.37
CA LYS A 304 48.42 -0.11 6.42
C LYS A 304 49.43 0.79 7.13
N ASP A 305 50.42 1.24 6.36
CA ASP A 305 51.12 2.51 6.58
C ASP A 305 51.30 3.12 5.21
N ASN B 8 20.18 -11.79 -11.83
CA ASN B 8 20.25 -13.21 -11.28
C ASN B 8 19.44 -13.44 -9.94
N ALA B 9 20.02 -13.15 -8.76
CA ALA B 9 19.28 -13.14 -7.48
C ALA B 9 18.09 -12.14 -7.47
N THR B 10 18.02 -11.20 -8.42
CA THR B 10 16.87 -10.30 -8.61
C THR B 10 15.63 -10.94 -9.26
N ASN B 11 15.84 -11.84 -10.23
CA ASN B 11 14.72 -12.60 -10.88
C ASN B 11 13.93 -13.40 -9.90
N VAL B 12 14.68 -14.05 -9.02
CA VAL B 12 14.08 -14.96 -8.09
C VAL B 12 13.28 -14.20 -7.05
N LYS B 13 13.68 -12.98 -6.70
CA LYS B 13 12.91 -12.14 -5.75
C LYS B 13 11.62 -11.69 -6.37
N ALA B 14 11.71 -11.18 -7.59
CA ALA B 14 10.51 -10.82 -8.32
C ALA B 14 9.53 -12.00 -8.42
N MET B 15 10.04 -13.20 -8.80
CA MET B 15 9.15 -14.36 -8.97
C MET B 15 8.62 -14.88 -7.64
N LYS B 16 9.48 -14.84 -6.60
CA LYS B 16 9.06 -15.13 -5.22
C LYS B 16 7.91 -14.26 -4.79
N TYR B 17 8.01 -12.98 -5.09
CA TYR B 17 6.93 -12.06 -4.82
C TYR B 17 5.66 -12.42 -5.58
N LEU B 18 5.77 -12.67 -6.87
CA LEU B 18 4.56 -12.98 -7.70
C LEU B 18 3.86 -14.26 -7.23
N ILE B 19 4.65 -15.26 -6.87
CA ILE B 19 4.11 -16.53 -6.36
C ILE B 19 3.37 -16.31 -5.08
N GLU B 20 4.01 -15.63 -4.13
CA GLU B 20 3.35 -15.42 -2.85
C GLU B 20 2.18 -14.48 -3.00
N HIS B 21 2.18 -13.61 -3.99
CA HIS B 21 1.08 -12.66 -4.21
C HIS B 21 -0.11 -13.36 -4.85
N TYR B 22 0.13 -14.19 -5.88
CA TYR B 22 -0.98 -14.82 -6.60
C TYR B 22 -1.55 -16.08 -5.95
N PHE B 23 -0.75 -16.80 -5.14
CA PHE B 23 -1.19 -18.02 -4.49
C PHE B 23 -1.16 -17.76 -2.99
N ASP B 24 -2.30 -17.37 -2.46
CA ASP B 24 -2.33 -16.61 -1.19
C ASP B 24 -1.70 -17.29 0.02
N ASN B 25 -1.76 -18.61 0.18
CA ASN B 25 -1.16 -19.20 1.36
C ASN B 25 0.13 -19.96 1.02
N PHE B 26 0.72 -19.72 -0.14
CA PHE B 26 1.97 -20.35 -0.51
C PHE B 26 3.20 -19.61 0.03
N LYS B 27 4.10 -20.32 0.70
CA LYS B 27 5.31 -19.74 1.22
C LYS B 27 6.55 -20.26 0.54
N VAL B 28 7.32 -19.36 -0.03
CA VAL B 28 8.59 -19.71 -0.69
C VAL B 28 9.73 -19.71 0.32
N ASP B 29 10.15 -20.87 0.78
CA ASP B 29 11.39 -21.01 1.58
C ASP B 29 12.65 -21.02 0.72
N SER B 30 12.57 -21.48 -0.51
CA SER B 30 13.73 -21.44 -1.42
C SER B 30 13.23 -21.41 -2.85
N ILE B 31 14.06 -20.88 -3.74
CA ILE B 31 13.70 -20.69 -5.10
C ILE B 31 14.96 -20.52 -5.91
N GLU B 32 15.18 -21.37 -6.91
CA GLU B 32 16.28 -21.18 -7.83
C GLU B 32 15.79 -21.37 -9.24
N ILE B 33 16.48 -20.74 -10.19
CA ILE B 33 16.15 -20.89 -11.60
C ILE B 33 16.66 -22.27 -12.07
N ILE B 34 15.79 -23.07 -12.68
CA ILE B 34 16.17 -24.42 -13.08
C ILE B 34 16.27 -24.57 -14.59
N GLY B 35 15.58 -23.70 -15.31
CA GLY B 35 15.86 -23.50 -16.72
C GLY B 35 15.09 -22.36 -17.32
N SER B 36 15.43 -22.10 -18.57
CA SER B 36 14.77 -21.03 -19.29
C SER B 36 14.79 -21.20 -20.81
N GLY B 37 13.75 -20.65 -21.44
CA GLY B 37 13.69 -20.52 -22.88
C GLY B 37 14.08 -19.08 -23.14
N TYR B 38 13.54 -18.56 -24.21
CA TYR B 38 13.75 -17.15 -24.53
C TYR B 38 12.52 -16.29 -24.15
N ASP B 39 11.39 -16.95 -23.95
CA ASP B 39 10.10 -16.35 -23.59
C ASP B 39 9.69 -16.65 -22.15
N SER B 40 10.44 -17.52 -21.51
CA SER B 40 9.93 -18.13 -20.29
C SER B 40 11.07 -18.41 -19.32
N VAL B 41 10.70 -18.50 -18.05
CA VAL B 41 11.64 -18.95 -17.03
C VAL B 41 10.95 -19.94 -16.10
N ALA B 42 11.69 -21.02 -15.80
CA ALA B 42 11.28 -22.01 -14.85
C ALA B 42 12.16 -22.07 -13.54
N TYR B 43 11.47 -22.35 -12.43
CA TYR B 43 11.97 -22.23 -11.08
C TYR B 43 11.69 -23.48 -10.29
N LEU B 44 12.67 -23.95 -9.52
CA LEU B 44 12.47 -25.01 -8.52
C LEU B 44 12.24 -24.35 -7.17
N VAL B 45 11.09 -24.57 -6.57
CA VAL B 45 10.66 -23.85 -5.38
C VAL B 45 10.52 -24.86 -4.25
N ASN B 46 11.05 -24.52 -3.07
CA ASN B 46 11.04 -25.39 -1.87
C ASN B 46 11.62 -26.80 -2.14
N ASN B 47 12.54 -26.88 -3.11
CA ASN B 47 13.10 -28.14 -3.57
C ASN B 47 12.05 -29.21 -3.95
N GLU B 48 10.87 -28.78 -4.37
CA GLU B 48 9.70 -29.61 -4.45
C GLU B 48 8.75 -29.29 -5.63
N TYR B 49 8.57 -27.99 -5.95
CA TYR B 49 7.64 -27.53 -6.97
C TYR B 49 8.36 -26.91 -8.12
N ILE B 50 7.84 -27.15 -9.34
CA ILE B 50 8.33 -26.45 -10.51
C ILE B 50 7.31 -25.35 -10.69
N PHE B 51 7.80 -24.14 -11.04
CA PHE B 51 6.92 -23.07 -11.40
C PHE B 51 7.41 -22.54 -12.73
N LYS B 52 6.60 -22.74 -13.79
CA LYS B 52 6.89 -22.23 -15.11
C LYS B 52 6.23 -20.85 -15.19
N THR B 53 6.94 -19.87 -15.77
CA THR B 53 6.34 -18.55 -15.85
C THR B 53 6.66 -17.90 -17.15
N LYS B 54 5.77 -17.02 -17.54
CA LYS B 54 5.87 -16.38 -18.82
C LYS B 54 5.18 -15.02 -18.76
N PHE B 55 5.78 -13.98 -19.33
CA PHE B 55 5.04 -12.70 -19.55
C PHE B 55 4.53 -12.63 -20.99
N SER B 56 3.47 -11.88 -21.29
CA SER B 56 2.75 -11.85 -22.63
C SER B 56 1.89 -13.12 -22.62
N LYS B 60 -3.19 -14.86 -23.57
CA LYS B 60 -2.90 -14.46 -24.99
C LYS B 60 -2.11 -15.61 -25.77
N LYS B 61 -0.84 -15.31 -26.09
CA LYS B 61 0.24 -16.31 -26.30
C LYS B 61 0.81 -16.86 -24.92
N GLY B 62 -0.08 -17.26 -23.98
CA GLY B 62 0.28 -17.79 -22.63
C GLY B 62 -0.09 -19.30 -22.35
N TYR B 63 -0.14 -19.63 -21.05
CA TYR B 63 -0.25 -21.02 -20.59
C TYR B 63 -1.65 -21.66 -20.49
N ALA B 64 -2.66 -21.07 -21.07
CA ALA B 64 -4.02 -21.63 -21.01
C ALA B 64 -4.15 -23.00 -21.66
N LYS B 65 -3.67 -23.12 -22.91
CA LYS B 65 -3.75 -24.41 -23.62
C LYS B 65 -2.98 -25.45 -22.89
N GLU B 66 -1.80 -25.09 -22.43
CA GLU B 66 -0.95 -26.06 -21.75
C GLU B 66 -1.62 -26.61 -20.50
N LYS B 67 -2.28 -25.73 -19.75
CA LYS B 67 -3.03 -26.17 -18.58
C LYS B 67 -4.19 -27.10 -18.95
N ALA B 68 -4.96 -26.73 -19.99
CA ALA B 68 -6.10 -27.53 -20.43
C ALA B 68 -5.60 -28.89 -20.86
N ILE B 69 -4.39 -28.94 -21.41
CA ILE B 69 -3.83 -30.19 -21.83
C ILE B 69 -3.39 -31.04 -20.66
N TYR B 70 -2.74 -30.46 -19.66
CA TYR B 70 -2.42 -31.28 -18.49
C TYR B 70 -3.69 -31.82 -17.81
N ASN B 71 -4.76 -31.04 -17.78
CA ASN B 71 -5.93 -31.41 -17.05
C ASN B 71 -6.61 -32.57 -17.82
N PHE B 72 -6.67 -32.43 -19.16
CA PHE B 72 -7.24 -33.47 -20.00
C PHE B 72 -6.44 -34.75 -19.88
N LEU B 73 -5.12 -34.64 -19.89
CA LEU B 73 -4.29 -35.85 -19.85
C LEU B 73 -4.34 -36.52 -18.49
N ASN B 74 -4.34 -35.76 -17.38
CA ASN B 74 -4.32 -36.38 -16.04
C ASN B 74 -5.64 -37.06 -15.76
N THR B 75 -6.73 -36.56 -16.34
CA THR B 75 -8.01 -37.28 -16.37
C THR B 75 -8.03 -38.59 -17.24
N ASN B 76 -7.46 -38.57 -18.42
CA ASN B 76 -7.75 -39.58 -19.45
C ASN B 76 -6.61 -40.54 -19.71
N LEU B 77 -5.38 -40.21 -19.45
CA LEU B 77 -4.29 -41.18 -19.63
C LEU B 77 -4.23 -42.19 -18.55
N GLU B 78 -4.03 -43.44 -18.89
CA GLU B 78 -3.66 -44.47 -17.92
C GLU B 78 -2.25 -44.92 -18.19
N THR B 79 -1.34 -44.61 -17.29
CA THR B 79 0.07 -44.87 -17.52
C THR B 79 0.81 -44.70 -16.24
N ASN B 80 1.92 -45.42 -16.07
CA ASN B 80 2.83 -45.18 -14.98
C ASN B 80 3.80 -44.04 -15.21
N VAL B 81 3.82 -43.47 -16.42
CA VAL B 81 4.71 -42.37 -16.71
C VAL B 81 4.09 -41.10 -16.15
N LYS B 82 4.87 -40.33 -15.41
CA LYS B 82 4.35 -39.11 -14.78
C LYS B 82 4.42 -37.95 -15.73
N ILE B 83 3.43 -37.11 -15.62
CA ILE B 83 3.42 -35.81 -16.29
C ILE B 83 3.06 -34.71 -15.28
N PRO B 84 3.30 -33.44 -15.66
CA PRO B 84 2.92 -32.39 -14.70
C PRO B 84 1.46 -32.47 -14.31
N ASN B 85 1.19 -32.31 -13.01
CA ASN B 85 -0.16 -32.21 -12.54
C ASN B 85 -0.30 -30.84 -11.81
N ILE B 86 -1.04 -29.95 -12.46
CA ILE B 86 -1.07 -28.58 -12.08
C ILE B 86 -1.85 -28.35 -10.79
N GLU B 87 -1.17 -27.91 -9.74
CA GLU B 87 -1.84 -27.47 -8.52
C GLU B 87 -2.05 -25.97 -8.44
N TYR B 88 -1.19 -25.17 -9.09
CA TYR B 88 -1.28 -23.71 -9.00
C TYR B 88 -1.28 -23.16 -10.40
N SER B 89 -2.22 -22.31 -10.71
CA SER B 89 -2.20 -21.66 -11.99
C SER B 89 -2.68 -20.24 -11.81
N TYR B 90 -2.01 -19.30 -12.50
CA TYR B 90 -2.54 -17.96 -12.69
C TYR B 90 -2.35 -17.61 -14.13
N ILE B 91 -3.44 -17.19 -14.78
CA ILE B 91 -3.46 -16.98 -16.20
C ILE B 91 -4.16 -15.69 -16.53
N SER B 92 -3.43 -14.77 -17.16
CA SER B 92 -3.90 -13.46 -17.58
C SER B 92 -3.18 -13.20 -18.88
N ASP B 93 -3.59 -12.14 -19.56
CA ASP B 93 -2.94 -11.72 -20.80
C ASP B 93 -1.43 -11.49 -20.68
N GLU B 94 -1.09 -10.87 -19.57
CA GLU B 94 0.21 -10.30 -19.36
C GLU B 94 1.10 -11.27 -18.65
N LEU B 95 0.54 -12.27 -17.94
CA LEU B 95 1.36 -13.14 -17.11
C LEU B 95 0.69 -14.48 -16.93
N SER B 96 1.48 -15.56 -16.99
CA SER B 96 0.98 -16.89 -16.67
C SER B 96 1.97 -17.63 -15.84
N ILE B 97 1.44 -18.31 -14.81
CA ILE B 97 2.23 -19.13 -13.95
C ILE B 97 1.55 -20.52 -13.83
N LEU B 98 2.32 -21.59 -13.94
CA LEU B 98 1.85 -22.97 -13.67
C LEU B 98 2.77 -23.57 -12.66
N GLY B 99 2.22 -24.04 -11.55
CA GLY B 99 3.01 -24.77 -10.57
C GLY B 99 2.52 -26.22 -10.38
N TYR B 100 3.47 -27.14 -10.23
CA TYR B 100 3.22 -28.54 -10.06
C TYR B 100 4.42 -29.18 -9.38
N LYS B 101 4.25 -30.36 -8.80
CA LYS B 101 5.36 -31.05 -8.16
C LYS B 101 6.39 -31.55 -9.16
N GLU B 102 7.65 -31.27 -8.83
CA GLU B 102 8.80 -31.70 -9.63
C GLU B 102 8.71 -33.19 -9.86
N ILE B 103 8.80 -33.63 -11.10
CA ILE B 103 8.97 -35.04 -11.37
C ILE B 103 10.44 -35.34 -11.20
N LYS B 104 10.78 -36.32 -10.37
CA LYS B 104 12.18 -36.63 -10.06
C LYS B 104 12.76 -37.60 -11.08
N GLY B 105 14.00 -37.37 -11.46
CA GLY B 105 14.66 -38.23 -12.39
C GLY B 105 15.80 -37.50 -13.04
N THR B 106 16.40 -38.16 -14.02
CA THR B 106 17.54 -37.65 -14.79
C THR B 106 17.08 -37.60 -16.26
N PHE B 107 17.40 -36.49 -16.92
CA PHE B 107 16.96 -36.30 -18.26
C PHE B 107 17.80 -37.15 -19.19
N LEU B 108 17.14 -37.77 -20.15
CA LEU B 108 17.81 -38.58 -21.14
C LEU B 108 18.72 -37.75 -22.01
N THR B 109 19.89 -38.29 -22.29
CA THR B 109 20.81 -37.64 -23.22
C THR B 109 21.45 -38.73 -24.02
N PRO B 110 22.11 -38.39 -25.14
CA PRO B 110 22.92 -39.35 -25.89
C PRO B 110 23.96 -40.07 -25.05
N GLU B 111 24.67 -39.33 -24.22
CA GLU B 111 25.69 -39.89 -23.38
C GLU B 111 25.12 -40.98 -22.45
N ILE B 112 24.03 -40.68 -21.78
CA ILE B 112 23.40 -41.64 -20.86
C ILE B 112 22.96 -42.90 -21.61
N TYR B 113 22.36 -42.70 -22.76
CA TYR B 113 21.85 -43.80 -23.58
C TYR B 113 22.98 -44.76 -23.95
N SER B 114 24.14 -44.23 -24.31
CA SER B 114 25.25 -45.04 -24.72
C SER B 114 25.82 -45.89 -23.53
N THR B 115 25.57 -45.48 -22.28
CA THR B 115 25.90 -46.28 -21.11
C THR B 115 24.84 -47.35 -20.75
N MET B 116 23.63 -47.28 -21.28
CA MET B 116 22.59 -48.22 -20.92
C MET B 116 22.91 -49.58 -21.54
N SER B 117 22.53 -50.66 -20.83
CA SER B 117 22.64 -52.02 -21.37
C SER B 117 21.72 -52.14 -22.58
N GLU B 118 21.97 -53.12 -23.45
CA GLU B 118 21.09 -53.31 -24.60
C GLU B 118 19.60 -53.50 -24.20
N GLU B 119 19.39 -54.24 -23.11
CA GLU B 119 18.04 -54.50 -22.62
C GLU B 119 17.43 -53.22 -22.05
N GLU B 120 18.21 -52.43 -21.31
CA GLU B 120 17.70 -51.11 -20.87
C GLU B 120 17.25 -50.23 -22.03
N GLN B 121 18.00 -50.23 -23.10
CA GLN B 121 17.65 -49.42 -24.25
C GLN B 121 16.36 -49.92 -24.89
N ASN B 122 16.28 -51.23 -25.06
CA ASN B 122 15.09 -51.84 -25.59
C ASN B 122 13.85 -51.46 -24.75
N LEU B 123 13.98 -51.54 -23.42
CA LEU B 123 12.84 -51.20 -22.58
C LEU B 123 12.43 -49.73 -22.75
N LEU B 124 13.41 -48.84 -22.84
CA LEU B 124 13.14 -47.44 -23.05
C LEU B 124 12.40 -47.20 -24.36
N LYS B 125 12.88 -47.84 -25.44
CA LYS B 125 12.18 -47.70 -26.71
C LYS B 125 10.73 -48.18 -26.60
N ARG B 126 10.53 -49.31 -25.95
CA ARG B 126 9.19 -49.84 -25.77
C ARG B 126 8.33 -48.91 -24.95
N ASP B 127 8.92 -48.39 -23.87
CA ASP B 127 8.16 -47.53 -23.01
C ASP B 127 7.68 -46.27 -23.77
N ILE B 128 8.54 -45.74 -24.63
CA ILE B 128 8.20 -44.56 -25.40
C ILE B 128 7.12 -44.88 -26.44
N ALA B 129 7.30 -45.97 -27.16
CA ALA B 129 6.29 -46.36 -28.14
C ALA B 129 4.94 -46.56 -27.46
N SER B 130 4.96 -47.16 -26.28
CA SER B 130 3.73 -47.38 -25.54
C SER B 130 3.04 -46.07 -25.07
N PHE B 131 3.85 -45.14 -24.60
CA PHE B 131 3.31 -43.86 -24.17
C PHE B 131 2.65 -43.11 -25.33
N LEU B 132 3.39 -43.02 -26.44
CA LEU B 132 2.91 -42.32 -27.59
C LEU B 132 1.65 -43.00 -28.15
N ARG B 133 1.62 -44.33 -28.15
CA ARG B 133 0.46 -45.01 -28.67
C ARG B 133 -0.73 -44.68 -27.80
N GLN B 134 -0.54 -44.69 -26.48
CA GLN B 134 -1.66 -44.39 -25.63
C GLN B 134 -2.18 -42.94 -25.80
N MET B 135 -1.28 -41.95 -25.95
CA MET B 135 -1.69 -40.56 -26.07
C MET B 135 -2.33 -40.30 -27.43
N HIS B 136 -1.71 -40.82 -28.47
CA HIS B 136 -2.20 -40.64 -29.82
C HIS B 136 -3.55 -41.27 -30.00
N GLY B 137 -3.85 -42.29 -29.19
CA GLY B 137 -5.14 -42.93 -29.19
C GLY B 137 -6.24 -42.28 -28.41
N LEU B 138 -6.00 -41.18 -27.69
CA LEU B 138 -7.09 -40.62 -26.92
C LEU B 138 -8.11 -39.93 -27.75
N ASP B 139 -9.37 -40.11 -27.31
CA ASP B 139 -10.47 -39.36 -27.87
C ASP B 139 -10.26 -37.92 -27.32
N TYR B 140 -9.97 -37.01 -28.23
CA TYR B 140 -9.65 -35.64 -27.93
C TYR B 140 -10.83 -34.67 -28.04
N THR B 141 -12.04 -35.18 -28.03
CA THR B 141 -13.25 -34.34 -28.27
C THR B 141 -13.30 -33.20 -27.28
N ASP B 142 -13.01 -33.52 -26.00
CA ASP B 142 -13.07 -32.52 -24.94
C ASP B 142 -12.03 -31.37 -25.04
N ILE B 143 -10.95 -31.56 -25.79
CA ILE B 143 -9.96 -30.50 -26.01
C ILE B 143 -9.92 -30.16 -27.50
N SER B 144 -11.06 -30.20 -28.16
CA SER B 144 -11.03 -30.11 -29.63
C SER B 144 -10.66 -28.73 -30.18
N GLU B 145 -10.86 -27.68 -29.39
CA GLU B 145 -10.36 -26.32 -29.72
C GLU B 145 -8.84 -26.30 -29.91
N CYS B 146 -8.08 -27.23 -29.29
CA CYS B 146 -6.61 -27.25 -29.34
C CYS B 146 -5.99 -27.84 -30.61
N THR B 147 -6.54 -27.49 -31.78
CA THR B 147 -5.95 -27.88 -33.04
C THR B 147 -4.79 -26.98 -33.43
N ILE B 148 -3.86 -27.55 -34.19
CA ILE B 148 -2.75 -26.84 -34.73
C ILE B 148 -2.57 -27.29 -36.18
N ASP B 149 -2.54 -26.31 -37.07
CA ASP B 149 -2.34 -26.52 -38.48
C ASP B 149 -0.95 -25.98 -38.83
N ASN B 150 0.04 -26.85 -38.96
CA ASN B 150 1.41 -26.42 -39.23
C ASN B 150 1.56 -25.72 -40.60
N LYS B 151 0.83 -26.19 -41.60
CA LYS B 151 0.95 -25.59 -42.92
C LYS B 151 0.41 -24.19 -42.94
N GLN B 152 -0.77 -24.01 -42.42
CA GLN B 152 -1.36 -22.69 -42.29
C GLN B 152 -0.51 -21.73 -41.44
N ASN B 153 0.07 -22.22 -40.35
CA ASN B 153 0.94 -21.41 -39.51
C ASN B 153 2.12 -20.86 -40.34
N VAL B 154 2.70 -21.74 -41.16
CA VAL B 154 3.81 -21.35 -42.02
C VAL B 154 3.37 -20.31 -43.04
N LEU B 155 2.22 -20.52 -43.66
CA LEU B 155 1.74 -19.55 -44.59
C LEU B 155 1.59 -18.18 -43.93
N GLU B 156 1.04 -18.14 -42.74
CA GLU B 156 0.90 -16.86 -42.00
C GLU B 156 2.23 -16.22 -41.66
N GLU B 157 3.21 -17.06 -41.30
CA GLU B 157 4.55 -16.59 -41.07
C GLU B 157 5.20 -16.06 -42.35
N TYR B 158 4.95 -16.73 -43.49
CA TYR B 158 5.46 -16.27 -44.76
C TYR B 158 4.84 -14.95 -45.12
N ILE B 159 3.56 -14.77 -44.85
CA ILE B 159 2.96 -13.49 -45.14
C ILE B 159 3.58 -12.37 -44.29
N LEU B 160 3.88 -12.65 -43.02
CA LEU B 160 4.61 -11.72 -42.18
C LEU B 160 5.96 -11.35 -42.76
N LEU B 161 6.72 -12.32 -43.26
CA LEU B 161 7.97 -12.03 -43.99
C LEU B 161 7.74 -11.07 -45.12
N ARG B 162 6.71 -11.32 -45.93
CA ARG B 162 6.44 -10.47 -47.08
C ARG B 162 6.07 -9.07 -46.64
N GLU B 163 5.39 -8.95 -45.52
CA GLU B 163 4.98 -7.67 -44.97
C GLU B 163 6.10 -6.87 -44.30
N THR B 164 7.22 -7.51 -43.97
CA THR B 164 8.27 -6.94 -43.17
C THR B 164 9.58 -6.89 -43.96
N ILE B 165 10.43 -7.88 -43.79
CA ILE B 165 11.78 -7.82 -44.35
C ILE B 165 12.05 -8.53 -45.70
N TYR B 166 11.06 -9.13 -46.33
CA TYR B 166 11.38 -10.03 -47.46
C TYR B 166 12.08 -9.29 -48.56
N ASN B 167 11.66 -8.09 -48.85
CA ASN B 167 12.24 -7.29 -49.94
C ASN B 167 13.70 -6.93 -49.74
N ASP B 168 14.16 -6.91 -48.51
CA ASP B 168 15.59 -6.70 -48.21
C ASP B 168 16.41 -7.96 -48.14
N LEU B 169 15.85 -9.13 -48.40
CA LEU B 169 16.61 -10.36 -48.33
C LEU B 169 17.46 -10.47 -49.56
N THR B 170 18.57 -11.19 -49.49
CA THR B 170 19.35 -11.49 -50.70
C THR B 170 18.63 -12.50 -51.59
N ASP B 171 19.11 -12.65 -52.82
CA ASP B 171 18.60 -13.64 -53.74
C ASP B 171 18.82 -15.05 -53.16
N ILE B 172 19.97 -15.35 -52.60
CA ILE B 172 20.23 -16.63 -51.97
C ILE B 172 19.20 -16.98 -50.88
N GLU B 173 18.84 -15.94 -50.09
CA GLU B 173 17.90 -16.11 -49.00
C GLU B 173 16.50 -16.30 -49.52
N LYS B 174 16.11 -15.45 -50.47
CA LYS B 174 14.83 -15.64 -51.18
C LYS B 174 14.72 -17.01 -51.80
N ASP B 175 15.73 -17.50 -52.49
CA ASP B 175 15.63 -18.84 -53.10
C ASP B 175 15.45 -19.91 -52.05
N TYR B 176 16.14 -19.84 -50.91
CA TYR B 176 15.97 -20.80 -49.85
C TYR B 176 14.50 -20.85 -49.41
N ILE B 177 13.92 -19.66 -49.22
CA ILE B 177 12.58 -19.55 -48.71
C ILE B 177 11.56 -20.03 -49.73
N GLU B 178 11.66 -19.57 -50.95
CA GLU B 178 10.71 -19.94 -52.02
C GLU B 178 10.78 -21.42 -52.30
N SER B 179 11.96 -21.97 -52.19
CA SER B 179 12.13 -23.38 -52.43
C SER B 179 11.43 -24.19 -51.31
N PHE B 180 11.56 -23.71 -50.06
CA PHE B 180 10.83 -24.30 -48.99
C PHE B 180 9.32 -24.24 -49.23
N MET B 181 8.81 -23.08 -49.61
CA MET B 181 7.38 -22.90 -49.84
C MET B 181 6.86 -23.76 -51.00
N GLU B 182 7.63 -23.91 -52.04
CA GLU B 182 7.30 -24.86 -53.14
C GLU B 182 7.16 -26.30 -52.58
N ARG B 183 8.09 -26.69 -51.72
CA ARG B 183 8.00 -27.99 -51.12
C ARG B 183 6.80 -28.14 -50.19
N LEU B 184 6.54 -27.14 -49.38
CA LEU B 184 5.36 -27.13 -48.53
C LEU B 184 4.06 -27.32 -49.29
N ASN B 185 3.97 -26.70 -50.43
CA ASN B 185 2.79 -26.72 -51.22
C ASN B 185 2.58 -28.09 -51.88
N ALA B 186 3.67 -28.79 -52.21
CA ALA B 186 3.63 -30.10 -52.89
C ALA B 186 3.52 -31.27 -51.97
N THR B 187 3.96 -31.14 -50.72
CA THR B 187 4.04 -32.32 -49.86
C THR B 187 2.67 -32.82 -49.52
N THR B 188 2.60 -34.11 -49.25
CA THR B 188 1.38 -34.78 -48.78
C THR B 188 1.48 -35.19 -47.33
N VAL B 189 2.57 -34.85 -46.64
CA VAL B 189 2.70 -35.28 -45.26
C VAL B 189 1.72 -34.68 -44.25
N PHE B 190 0.91 -33.71 -44.64
CA PHE B 190 -0.18 -33.21 -43.74
C PHE B 190 -1.52 -33.96 -43.92
N GLU B 191 -1.57 -34.93 -44.78
CA GLU B 191 -2.86 -35.52 -45.13
C GLU B 191 -3.15 -36.82 -44.35
N GLY B 192 -2.35 -37.12 -43.34
CA GLY B 192 -2.48 -38.30 -42.53
C GLY B 192 -3.22 -38.09 -41.24
N LYS B 193 -3.09 -39.06 -40.36
CA LYS B 193 -3.80 -39.10 -39.10
C LYS B 193 -3.42 -37.88 -38.23
N LYS B 194 -4.46 -37.25 -37.70
CA LYS B 194 -4.41 -36.20 -36.72
C LYS B 194 -4.75 -36.79 -35.37
N CYS B 195 -3.99 -36.38 -34.35
CA CYS B 195 -4.24 -36.78 -33.03
C CYS B 195 -3.56 -35.84 -32.03
N LEU B 196 -3.83 -36.04 -30.75
CA LEU B 196 -3.17 -35.26 -29.72
C LEU B 196 -1.69 -35.69 -29.60
N CYS B 197 -0.78 -34.75 -29.88
CA CYS B 197 0.65 -34.98 -29.80
C CYS B 197 1.31 -34.04 -28.76
N HIS B 198 2.39 -34.55 -28.18
CA HIS B 198 3.19 -33.82 -27.29
C HIS B 198 3.71 -32.58 -28.05
N ASN B 199 4.30 -32.84 -29.20
CA ASN B 199 4.67 -31.86 -30.24
C ASN B 199 5.94 -31.13 -29.88
N ASP B 200 6.68 -31.63 -28.90
CA ASP B 200 8.08 -31.20 -28.69
C ASP B 200 8.81 -32.31 -28.01
N PHE B 201 8.74 -33.50 -28.62
CA PHE B 201 9.09 -34.74 -27.97
C PHE B 201 10.55 -35.07 -28.17
N SER B 202 11.39 -34.30 -27.50
CA SER B 202 12.85 -34.42 -27.63
C SER B 202 13.35 -35.02 -26.38
N CYS B 203 14.57 -35.54 -26.38
CA CYS B 203 15.02 -36.24 -25.18
C CYS B 203 15.33 -35.36 -23.99
N ASN B 204 15.49 -34.05 -24.18
CA ASN B 204 15.54 -33.15 -22.99
C ASN B 204 14.16 -32.99 -22.24
N HIS B 205 13.11 -33.64 -22.70
CA HIS B 205 11.85 -33.65 -21.98
C HIS B 205 11.48 -35.02 -21.44
N LEU B 206 12.41 -35.96 -21.46
CA LEU B 206 12.14 -37.30 -21.04
C LEU B 206 12.98 -37.60 -19.82
N LEU B 207 12.33 -38.07 -18.77
CA LEU B 207 12.99 -38.34 -17.49
C LEU B 207 13.15 -39.83 -17.25
N LEU B 208 14.35 -40.21 -16.82
CA LEU B 208 14.67 -41.54 -16.38
C LEU B 208 14.76 -41.66 -14.87
N ASP B 209 14.34 -42.81 -14.33
CA ASP B 209 14.53 -43.17 -12.94
C ASP B 209 15.86 -43.87 -12.77
N GLY B 210 16.15 -44.32 -11.54
CA GLY B 210 17.44 -44.93 -11.22
C GLY B 210 17.71 -46.28 -11.85
N ASN B 211 16.69 -46.89 -12.47
CA ASN B 211 16.91 -48.09 -13.28
C ASN B 211 16.93 -47.82 -14.80
N ASN B 212 17.08 -46.56 -15.19
CA ASN B 212 17.01 -46.10 -16.58
C ASN B 212 15.71 -46.46 -17.30
N ARG B 213 14.61 -46.52 -16.55
CA ARG B 213 13.29 -46.59 -17.12
C ARG B 213 12.69 -45.17 -17.28
N LEU B 214 11.87 -44.99 -18.28
CA LEU B 214 11.15 -43.80 -18.50
C LEU B 214 10.20 -43.59 -17.34
N THR B 215 10.41 -42.51 -16.62
CA THR B 215 9.62 -42.22 -15.42
C THR B 215 8.75 -40.99 -15.54
N GLY B 216 9.11 -40.07 -16.42
CA GLY B 216 8.25 -38.94 -16.66
C GLY B 216 8.52 -38.20 -17.97
N ILE B 217 7.53 -37.39 -18.33
CA ILE B 217 7.60 -36.56 -19.49
C ILE B 217 7.05 -35.15 -19.13
N ILE B 218 7.72 -34.11 -19.61
CA ILE B 218 7.38 -32.74 -19.25
C ILE B 218 7.20 -31.93 -20.50
N ASP B 219 6.71 -30.72 -20.28
CA ASP B 219 6.60 -29.67 -21.28
C ASP B 219 5.71 -30.08 -22.46
N PHE B 220 4.42 -30.08 -22.16
CA PHE B 220 3.36 -30.28 -23.14
C PHE B 220 2.90 -28.91 -23.59
N GLY B 221 3.79 -27.94 -23.51
CA GLY B 221 3.52 -26.59 -23.92
C GLY B 221 3.23 -26.32 -25.35
N ASP B 222 3.63 -27.21 -26.26
CA ASP B 222 3.28 -27.02 -27.66
C ASP B 222 2.27 -28.07 -28.10
N SER B 223 1.68 -28.80 -27.18
CA SER B 223 0.74 -29.86 -27.49
C SER B 223 -0.50 -29.39 -28.16
N GLY B 224 -1.03 -30.28 -29.00
CA GLY B 224 -2.27 -30.02 -29.69
C GLY B 224 -2.66 -31.18 -30.58
N ILE B 225 -3.78 -30.99 -31.28
CA ILE B 225 -4.26 -31.97 -32.19
C ILE B 225 -3.59 -31.60 -33.49
N ILE B 226 -2.74 -32.48 -33.99
CA ILE B 226 -1.85 -32.17 -35.09
C ILE B 226 -1.45 -33.50 -35.75
N ASP B 227 -0.67 -33.47 -36.81
CA ASP B 227 -0.16 -34.73 -37.43
C ASP B 227 0.54 -35.66 -36.45
N GLU B 228 0.08 -36.90 -36.42
CA GLU B 228 0.75 -38.01 -35.74
C GLU B 228 2.25 -38.08 -35.96
N TYR B 229 2.72 -37.75 -37.17
CA TYR B 229 4.16 -37.69 -37.43
C TYR B 229 4.95 -36.75 -36.49
N CYS B 230 4.29 -35.71 -35.96
CA CYS B 230 4.95 -34.67 -35.12
C CYS B 230 5.77 -35.22 -33.98
N ASP B 231 5.29 -36.27 -33.34
CA ASP B 231 5.98 -36.79 -32.20
C ASP B 231 7.18 -37.64 -32.51
N PHE B 232 7.55 -37.81 -33.78
CA PHE B 232 8.75 -38.55 -34.09
C PHE B 232 9.88 -37.72 -34.68
N ILE B 233 9.66 -36.44 -34.79
CA ILE B 233 10.58 -35.50 -35.44
C ILE B 233 11.92 -35.49 -34.75
N TYR B 234 11.95 -35.53 -33.43
CA TYR B 234 13.19 -35.44 -32.68
C TYR B 234 13.78 -36.84 -32.45
N LEU B 235 12.91 -37.81 -32.28
CA LEU B 235 13.33 -39.21 -32.20
C LEU B 235 14.05 -39.64 -33.46
N LEU B 236 13.72 -39.07 -34.59
CA LEU B 236 14.41 -39.35 -35.83
C LEU B 236 15.63 -38.47 -36.13
N GLU B 237 15.94 -37.52 -35.26
CA GLU B 237 16.98 -36.54 -35.59
C GLU B 237 18.40 -37.09 -35.38
N ASP B 238 19.24 -36.77 -36.34
CA ASP B 238 20.65 -37.07 -36.26
C ASP B 238 21.34 -35.75 -35.82
N SER B 239 21.57 -35.57 -34.53
CA SER B 239 22.30 -34.39 -34.02
C SER B 239 22.97 -34.69 -32.72
N GLU B 240 23.78 -33.78 -32.22
CA GLU B 240 24.40 -33.92 -30.90
C GLU B 240 23.43 -33.94 -29.73
N GLU B 241 22.23 -33.39 -29.88
CA GLU B 241 21.27 -33.33 -28.77
C GLU B 241 20.36 -34.52 -28.72
N GLU B 242 20.18 -35.22 -29.81
CA GLU B 242 19.23 -36.37 -29.83
C GLU B 242 20.06 -37.64 -30.07
N ILE B 243 19.40 -38.77 -29.89
CA ILE B 243 20.05 -40.04 -29.79
C ILE B 243 20.52 -40.57 -31.09
N GLY B 244 19.66 -40.59 -32.10
CA GLY B 244 19.99 -41.03 -33.46
C GLY B 244 18.76 -41.47 -34.28
N THR B 245 18.88 -41.38 -35.61
CA THR B 245 17.84 -41.87 -36.49
C THR B 245 17.37 -43.32 -36.19
N ASN B 246 18.31 -44.20 -35.84
CA ASN B 246 18.05 -45.61 -35.56
C ASN B 246 17.17 -45.85 -34.36
N PHE B 247 17.35 -45.03 -33.33
CA PHE B 247 16.49 -44.99 -32.16
C PHE B 247 15.05 -44.69 -32.54
N GLY B 248 14.84 -43.66 -33.34
CA GLY B 248 13.47 -43.30 -33.76
C GLY B 248 12.85 -44.32 -34.69
N GLU B 249 13.66 -44.86 -35.61
CA GLU B 249 13.23 -45.96 -36.45
C GLU B 249 12.71 -47.14 -35.66
N ASP B 250 13.49 -47.61 -34.69
CA ASP B 250 13.05 -48.73 -33.87
C ASP B 250 11.78 -48.43 -33.13
N ILE B 251 11.71 -47.23 -32.57
CA ILE B 251 10.52 -46.80 -31.88
C ILE B 251 9.31 -46.77 -32.82
N LEU B 252 9.50 -46.26 -34.01
CA LEU B 252 8.43 -46.27 -35.00
C LEU B 252 7.96 -47.70 -35.34
N ARG B 253 8.90 -48.65 -35.43
CA ARG B 253 8.50 -50.02 -35.65
C ARG B 253 7.73 -50.60 -34.52
N MET B 254 8.16 -50.37 -33.30
CA MET B 254 7.42 -50.83 -32.13
C MET B 254 6.07 -50.16 -32.04
N TYR B 255 5.99 -48.87 -32.37
CA TYR B 255 4.71 -48.16 -32.33
C TYR B 255 3.72 -48.73 -33.36
N GLY B 256 4.18 -49.05 -34.56
CA GLY B 256 3.37 -49.68 -35.61
C GLY B 256 2.39 -48.81 -36.36
N ASN B 257 1.94 -49.29 -37.51
CA ASN B 257 0.90 -48.68 -38.29
C ASN B 257 1.23 -47.22 -38.57
N ILE B 258 2.42 -47.01 -39.08
CA ILE B 258 2.81 -45.67 -39.45
C ILE B 258 3.89 -45.70 -40.52
N ASP B 259 3.75 -44.81 -41.47
CA ASP B 259 4.59 -44.76 -42.63
C ASP B 259 5.89 -44.06 -42.23
N ILE B 260 6.95 -44.84 -42.08
CA ILE B 260 8.25 -44.33 -41.61
C ILE B 260 8.88 -43.30 -42.57
N GLU B 261 8.70 -43.49 -43.87
CA GLU B 261 9.29 -42.60 -44.86
C GLU B 261 8.66 -41.25 -44.78
N LYS B 262 7.35 -41.21 -44.54
CA LYS B 262 6.67 -39.91 -44.37
C LYS B 262 6.97 -39.27 -43.04
N ALA B 263 7.14 -40.06 -41.98
CA ALA B 263 7.68 -39.51 -40.75
C ALA B 263 9.02 -38.81 -41.00
N LYS B 264 9.86 -39.40 -41.84
CA LYS B 264 11.15 -38.81 -42.14
C LYS B 264 11.04 -37.60 -43.03
N GLU B 265 10.09 -37.62 -43.96
CA GLU B 265 9.84 -36.48 -44.80
C GLU B 265 9.38 -35.30 -43.92
N TYR B 266 8.44 -35.56 -43.04
CA TYR B 266 7.96 -34.57 -42.08
C TYR B 266 9.12 -33.96 -41.31
N GLN B 267 9.97 -34.80 -40.73
CA GLN B 267 11.14 -34.34 -39.99
C GLN B 267 12.01 -33.47 -40.85
N ASP B 268 12.21 -33.87 -42.11
CA ASP B 268 13.11 -33.18 -43.00
C ASP B 268 12.56 -31.78 -43.35
N ILE B 269 11.24 -31.71 -43.54
CA ILE B 269 10.57 -30.46 -43.83
C ILE B 269 10.71 -29.46 -42.66
N VAL B 270 10.47 -29.94 -41.43
CA VAL B 270 10.64 -29.12 -40.23
C VAL B 270 12.09 -28.65 -40.12
N GLU B 271 13.05 -29.53 -40.41
CA GLU B 271 14.46 -29.15 -40.38
C GLU B 271 14.76 -28.07 -41.43
N GLU B 272 14.16 -28.17 -42.63
CA GLU B 272 14.39 -27.19 -43.64
C GLU B 272 13.83 -25.83 -43.19
N TYR B 273 12.70 -25.89 -42.51
CA TYR B 273 12.06 -24.65 -42.03
C TYR B 273 12.83 -23.88 -40.91
N TYR B 274 13.71 -24.56 -40.18
CA TYR B 274 14.31 -24.02 -38.97
C TYR B 274 14.91 -22.59 -39.08
N PRO B 275 15.73 -22.33 -40.09
CA PRO B 275 16.22 -20.97 -40.22
C PRO B 275 15.16 -19.92 -40.45
N ILE B 276 14.05 -20.31 -41.11
CA ILE B 276 13.01 -19.36 -41.46
C ILE B 276 12.24 -19.12 -40.16
N GLU B 277 11.99 -20.18 -39.39
CA GLU B 277 11.33 -20.06 -38.10
C GLU B 277 12.09 -19.08 -37.19
N THR B 278 13.41 -19.18 -37.25
CA THR B 278 14.32 -18.41 -36.45
C THR B 278 14.18 -16.93 -36.85
N ILE B 279 14.16 -16.67 -38.14
CA ILE B 279 13.98 -15.29 -38.67
C ILE B 279 12.66 -14.72 -38.20
N VAL B 280 11.63 -15.56 -38.28
CA VAL B 280 10.28 -15.15 -37.95
C VAL B 280 10.14 -14.82 -36.45
N TYR B 281 10.77 -15.62 -35.60
CA TYR B 281 10.77 -15.38 -34.16
C TYR B 281 11.39 -14.01 -33.89
N GLY B 282 12.47 -13.69 -34.61
CA GLY B 282 13.15 -12.41 -34.49
C GLY B 282 12.28 -11.23 -34.93
N ILE B 283 11.48 -11.41 -35.97
CA ILE B 283 10.63 -10.33 -36.43
C ILE B 283 9.52 -10.08 -35.39
N LYS B 284 8.86 -11.16 -35.00
CA LYS B 284 7.74 -11.08 -34.10
C LYS B 284 8.11 -10.52 -32.72
N ASN B 285 9.32 -10.79 -32.24
CA ASN B 285 9.72 -10.44 -30.90
C ASN B 285 10.79 -9.31 -30.94
N ILE B 286 10.91 -8.67 -32.12
CA ILE B 286 11.80 -7.53 -32.30
C ILE B 286 13.16 -7.86 -31.73
N LYS B 287 13.74 -8.99 -32.16
CA LYS B 287 15.11 -9.36 -31.81
C LYS B 287 15.99 -9.59 -33.03
N GLN B 288 16.74 -8.54 -33.40
CA GLN B 288 17.60 -8.54 -34.59
C GLN B 288 18.54 -9.75 -34.62
N GLU B 289 19.01 -10.16 -33.46
CA GLU B 289 19.93 -11.27 -33.29
C GLU B 289 19.39 -12.55 -33.94
N PHE B 290 18.10 -12.82 -33.78
CA PHE B 290 17.52 -14.00 -34.37
C PHE B 290 17.39 -13.87 -35.89
N ILE B 291 17.08 -12.65 -36.37
CA ILE B 291 16.97 -12.40 -37.77
C ILE B 291 18.33 -12.71 -38.42
N GLU B 292 19.40 -12.19 -37.81
CA GLU B 292 20.73 -12.39 -38.35
C GLU B 292 21.17 -13.86 -38.26
N ASN B 293 20.89 -14.56 -37.15
CA ASN B 293 21.29 -15.98 -37.03
C ASN B 293 20.59 -16.86 -38.10
N GLY B 294 19.30 -16.62 -38.35
CA GLY B 294 18.56 -17.38 -39.36
C GLY B 294 19.11 -17.14 -40.75
N ARG B 295 19.43 -15.89 -41.04
CA ARG B 295 19.95 -15.53 -42.35
C ARG B 295 21.29 -16.15 -42.57
N LYS B 296 22.15 -16.07 -41.59
CA LYS B 296 23.47 -16.70 -41.67
C LYS B 296 23.37 -18.19 -41.78
N GLU B 297 22.41 -18.80 -41.10
CA GLU B 297 22.21 -20.28 -41.16
C GLU B 297 21.79 -20.68 -42.60
N ILE B 298 21.08 -19.80 -43.29
CA ILE B 298 20.76 -20.04 -44.69
C ILE B 298 22.01 -20.08 -45.54
N TYR B 299 22.93 -19.13 -45.33
CA TYR B 299 24.23 -19.16 -46.00
C TYR B 299 25.01 -20.42 -45.64
N LYS B 300 24.97 -20.84 -44.40
CA LYS B 300 25.74 -22.02 -44.04
C LYS B 300 25.25 -23.24 -44.77
N ARG B 301 23.93 -23.42 -44.81
CA ARG B 301 23.32 -24.53 -45.50
C ARG B 301 23.57 -24.44 -47.04
N THR B 302 23.43 -23.26 -47.61
CA THR B 302 23.70 -23.02 -49.03
C THR B 302 25.11 -23.36 -49.44
N TYR B 303 26.10 -23.18 -48.59
CA TYR B 303 27.53 -23.33 -48.96
C TYR B 303 28.13 -24.64 -48.54
N LYS B 304 27.40 -25.43 -47.76
CA LYS B 304 27.97 -26.66 -47.25
C LYS B 304 27.76 -27.59 -48.42
N ASP B 305 28.74 -28.47 -48.64
CA ASP B 305 28.69 -29.61 -49.55
C ASP B 305 29.38 -29.20 -50.84
N THR C 10 -17.62 5.53 12.80
CA THR C 10 -17.08 6.52 13.75
C THR C 10 -15.58 6.85 13.44
N ASN C 11 -15.20 8.08 13.75
CA ASN C 11 -13.84 8.61 13.59
C ASN C 11 -12.89 8.15 14.68
N VAL C 12 -13.37 7.46 15.72
CA VAL C 12 -12.52 6.78 16.62
C VAL C 12 -11.78 5.63 15.92
N LYS C 13 -12.40 4.99 14.92
CA LYS C 13 -11.72 3.94 14.16
C LYS C 13 -10.61 4.48 13.31
N ALA C 14 -10.95 5.53 12.58
CA ALA C 14 -9.95 6.25 11.81
C ALA C 14 -8.77 6.68 12.69
N MET C 15 -9.04 7.28 13.85
CA MET C 15 -7.97 7.79 14.72
C MET C 15 -7.18 6.63 15.37
N LYS C 16 -7.90 5.57 15.75
CA LYS C 16 -7.24 4.33 16.22
C LYS C 16 -6.24 3.80 15.18
N TYR C 17 -6.67 3.79 13.93
CA TYR C 17 -5.81 3.39 12.86
C TYR C 17 -4.57 4.31 12.73
N LEU C 18 -4.80 5.62 12.71
CA LEU C 18 -3.68 6.60 12.56
C LEU C 18 -2.65 6.49 13.70
N ILE C 19 -3.14 6.31 14.92
CA ILE C 19 -2.27 6.15 16.08
C ILE C 19 -1.42 4.88 15.93
N GLU C 20 -2.05 3.76 15.60
CA GLU C 20 -1.30 2.54 15.49
C GLU C 20 -0.38 2.58 14.28
N HIS C 21 -0.71 3.37 13.28
CA HIS C 21 0.12 3.46 12.07
C HIS C 21 1.34 4.36 12.33
N TYR C 22 1.13 5.50 12.98
CA TYR C 22 2.24 6.45 13.19
C TYR C 22 3.14 6.15 14.41
N PHE C 23 2.64 5.42 15.41
CA PHE C 23 3.43 5.06 16.59
C PHE C 23 3.57 3.57 16.62
N ASP C 24 4.73 3.15 16.12
CA ASP C 24 5.08 1.77 15.79
C ASP C 24 4.63 0.69 16.73
N ASN C 25 4.88 0.83 18.03
CA ASN C 25 4.57 -0.28 18.92
C ASN C 25 3.32 -0.05 19.74
N PHE C 26 2.52 0.97 19.42
CA PHE C 26 1.40 1.34 20.27
C PHE C 26 0.12 0.55 19.95
N LYS C 27 -0.51 -0.06 20.95
CA LYS C 27 -1.74 -0.81 20.76
C LYS C 27 -2.92 -0.16 21.42
N VAL C 28 -3.94 0.17 20.65
CA VAL C 28 -5.15 0.79 21.17
C VAL C 28 -6.16 -0.29 21.56
N ASP C 29 -6.28 -0.57 22.85
CA ASP C 29 -7.33 -1.44 23.38
C ASP C 29 -8.66 -0.71 23.60
N SER C 30 -8.65 0.59 23.83
CA SER C 30 -9.91 1.36 23.91
C SER C 30 -9.63 2.79 23.49
N ILE C 31 -10.66 3.46 23.01
CA ILE C 31 -10.53 4.80 22.51
C ILE C 31 -11.90 5.46 22.52
N GLU C 32 -12.03 6.59 23.20
CA GLU C 32 -13.27 7.36 23.15
C GLU C 32 -12.94 8.82 23.03
N ILE C 33 -13.87 9.59 22.47
CA ILE C 33 -13.73 11.02 22.33
C ILE C 33 -13.92 11.68 23.70
N ILE C 34 -12.96 12.50 24.14
CA ILE C 34 -13.05 13.12 25.46
C ILE C 34 -13.24 14.61 25.40
N GLY C 35 -12.88 15.20 24.28
CA GLY C 35 -13.29 16.55 23.96
C GLY C 35 -12.99 16.98 22.55
N SER C 36 -13.52 18.13 22.22
CA SER C 36 -13.23 18.71 20.91
C SER C 36 -13.35 20.23 20.85
N GLY C 37 -12.54 20.83 19.98
CA GLY C 37 -12.64 22.22 19.65
C GLY C 37 -13.34 22.27 18.34
N TYR C 38 -13.02 23.32 17.59
CA TYR C 38 -13.59 23.52 16.29
C TYR C 38 -12.64 23.01 15.16
N ASP C 39 -11.35 22.95 15.48
CA ASP C 39 -10.29 22.51 14.56
C ASP C 39 -9.73 21.14 14.94
N SER C 40 -10.17 20.58 16.07
CA SER C 40 -9.42 19.54 16.71
C SER C 40 -10.31 18.55 17.43
N VAL C 41 -9.80 17.33 17.65
CA VAL C 41 -10.50 16.33 18.46
C VAL C 41 -9.51 15.66 19.38
N ALA C 42 -9.93 15.44 20.62
CA ALA C 42 -9.17 14.74 21.64
C ALA C 42 -9.82 13.42 22.12
N TYR C 43 -8.94 12.44 22.39
CA TYR C 43 -9.28 11.06 22.59
C TYR C 43 -8.60 10.56 23.86
N LEU C 44 -9.35 9.81 24.67
CA LEU C 44 -8.78 9.02 25.75
C LEU C 44 -8.54 7.61 25.28
N VAL C 45 -7.29 7.18 25.34
CA VAL C 45 -6.88 5.90 24.80
C VAL C 45 -6.41 5.02 25.93
N ASN C 46 -6.88 3.76 25.93
CA ASN C 46 -6.53 2.74 26.96
C ASN C 46 -6.80 3.23 28.40
N ASN C 47 -7.77 4.14 28.57
CA ASN C 47 -8.03 4.78 29.86
C ASN C 47 -6.75 5.37 30.56
N GLU C 48 -5.81 5.80 29.74
CA GLU C 48 -4.46 6.07 30.20
C GLU C 48 -3.76 7.21 29.46
N TYR C 49 -3.94 7.34 28.15
CA TYR C 49 -3.28 8.35 27.32
C TYR C 49 -4.31 9.34 26.75
N ILE C 50 -3.91 10.60 26.63
CA ILE C 50 -4.66 11.58 25.90
C ILE C 50 -3.97 11.65 24.58
N PHE C 51 -4.76 11.74 23.49
CA PHE C 51 -4.22 11.99 22.19
C PHE C 51 -5.00 13.14 21.59
N LYS C 52 -4.33 14.27 21.42
CA LYS C 52 -4.92 15.47 20.80
C LYS C 52 -4.62 15.37 19.32
N THR C 53 -5.57 15.68 18.46
CA THR C 53 -5.33 15.52 17.04
C THR C 53 -5.97 16.65 16.28
N LYS C 54 -5.43 16.92 15.11
CA LYS C 54 -5.83 18.03 14.30
C LYS C 54 -5.51 17.72 12.86
N PHE C 55 -6.37 18.08 11.91
CA PHE C 55 -5.99 18.12 10.47
C PHE C 55 -5.48 19.58 10.12
N TYR C 63 0.42 21.91 16.12
CA TYR C 63 0.92 21.34 17.36
C TYR C 63 2.42 21.32 17.62
N ALA C 64 3.22 21.87 16.70
CA ALA C 64 4.67 21.96 16.94
C ALA C 64 4.98 22.92 18.09
N LYS C 65 4.42 24.10 18.09
CA LYS C 65 4.64 25.09 19.16
C LYS C 65 4.23 24.53 20.49
N GLU C 66 3.07 23.88 20.51
CA GLU C 66 2.56 23.34 21.74
C GLU C 66 3.53 22.31 22.34
N LYS C 67 4.08 21.47 21.49
CA LYS C 67 5.07 20.49 21.92
C LYS C 67 6.36 21.17 22.43
N ALA C 68 6.85 22.18 21.72
CA ALA C 68 8.04 22.89 22.11
C ALA C 68 7.80 23.55 23.50
N ILE C 69 6.57 23.94 23.75
CA ILE C 69 6.24 24.53 25.02
C ILE C 69 6.20 23.50 26.13
N TYR C 70 5.60 22.34 25.88
CA TYR C 70 5.66 21.29 26.92
C TYR C 70 7.11 20.88 27.22
N ASN C 71 7.96 20.85 26.22
CA ASN C 71 9.29 20.35 26.39
C ASN C 71 10.07 21.38 27.22
N PHE C 72 9.90 22.68 26.89
CA PHE C 72 10.52 23.74 27.66
C PHE C 72 10.06 23.72 29.10
N LEU C 73 8.76 23.55 29.31
CA LEU C 73 8.23 23.59 30.66
C LEU C 73 8.64 22.39 31.50
N ASN C 74 8.65 21.18 30.92
CA ASN C 74 8.97 19.97 31.70
C ASN C 74 10.45 19.98 32.05
N THR C 75 11.30 20.60 31.23
CA THR C 75 12.69 20.88 31.60
C THR C 75 12.86 21.95 32.74
N ASN C 76 12.11 23.05 32.72
CA ASN C 76 12.47 24.22 33.51
C ASN C 76 11.56 24.47 34.70
N LEU C 77 10.33 23.99 34.72
CA LEU C 77 9.48 24.22 35.89
C LEU C 77 9.83 23.30 37.01
N GLU C 78 9.86 23.80 38.23
CA GLU C 78 9.85 22.96 39.42
C GLU C 78 8.54 23.10 40.14
N THR C 79 7.75 22.04 40.16
CA THR C 79 6.41 22.14 40.69
C THR C 79 5.83 20.78 40.87
N ASN C 80 4.97 20.63 41.86
CA ASN C 80 4.18 19.42 42.01
C ASN C 80 2.95 19.37 41.14
N VAL C 81 2.63 20.46 40.46
CA VAL C 81 1.45 20.50 39.58
C VAL C 81 1.86 19.83 38.27
N LYS C 82 1.05 18.89 37.81
CA LYS C 82 1.39 18.14 36.59
C LYS C 82 0.93 18.89 35.37
N ILE C 83 1.72 18.77 34.33
CA ILE C 83 1.35 19.20 33.02
C ILE C 83 1.61 18.08 31.99
N PRO C 84 1.04 18.22 30.79
CA PRO C 84 1.32 17.19 29.78
C PRO C 84 2.80 16.99 29.54
N ASN C 85 3.21 15.74 29.45
CA ASN C 85 4.57 15.41 29.06
C ASN C 85 4.46 14.50 27.81
N ILE C 86 4.88 15.06 26.68
CA ILE C 86 4.64 14.44 25.39
C ILE C 86 5.52 13.22 25.17
N GLU C 87 4.92 12.04 25.08
CA GLU C 87 5.66 10.83 24.68
C GLU C 87 5.53 10.53 23.20
N TYR C 88 4.44 10.91 22.55
CA TYR C 88 4.20 10.56 21.15
C TYR C 88 3.84 11.82 20.42
N SER C 89 4.47 12.05 19.30
CA SER C 89 4.09 13.16 18.50
C SER C 89 4.28 12.78 17.05
N TYR C 90 3.32 13.19 16.22
CA TYR C 90 3.48 13.14 14.78
C TYR C 90 2.98 14.45 14.24
N ILE C 91 3.82 15.13 13.47
CA ILE C 91 3.54 16.48 13.04
C ILE C 91 3.89 16.63 11.58
N SER C 92 2.88 16.97 10.79
CA SER C 92 2.97 17.13 9.35
C SER C 92 2.01 18.25 9.04
N ASP C 93 2.08 18.74 7.81
CA ASP C 93 1.18 19.77 7.28
C ASP C 93 -0.29 19.40 7.43
N GLU C 94 -0.58 18.15 7.12
CA GLU C 94 -1.95 17.68 6.96
C GLU C 94 -2.49 17.14 8.28
N LEU C 95 -1.62 16.72 9.20
CA LEU C 95 -2.06 16.01 10.39
C LEU C 95 -1.10 16.17 11.54
N SER C 96 -1.60 16.39 12.74
CA SER C 96 -0.76 16.46 13.95
C SER C 96 -1.40 15.73 15.08
N ILE C 97 -0.59 14.94 15.78
CA ILE C 97 -1.03 14.18 16.90
C ILE C 97 -0.01 14.41 18.06
N LEU C 98 -0.51 14.64 19.28
CA LEU C 98 0.31 14.66 20.49
C LEU C 98 -0.28 13.71 21.46
N GLY C 99 0.51 12.74 21.93
CA GLY C 99 0.06 11.85 22.98
C GLY C 99 0.89 12.01 24.27
N TYR C 100 0.18 11.93 25.40
CA TYR C 100 0.79 12.02 26.70
C TYR C 100 -0.13 11.32 27.69
N LYS C 101 0.41 10.97 28.87
CA LYS C 101 -0.41 10.34 29.89
C LYS C 101 -1.44 11.30 30.46
N GLU C 102 -2.67 10.79 30.58
CA GLU C 102 -3.79 11.53 31.12
C GLU C 102 -3.40 11.96 32.50
N ILE C 103 -3.57 13.24 32.84
CA ILE C 103 -3.44 13.65 34.22
C ILE C 103 -4.76 13.37 34.87
N LYS C 104 -4.76 12.63 35.99
CA LYS C 104 -5.98 12.19 36.62
C LYS C 104 -6.58 13.24 37.54
N GLY C 105 -7.91 13.35 37.51
CA GLY C 105 -8.55 14.35 38.26
C GLY C 105 -9.83 14.80 37.71
N THR C 106 -10.39 15.81 38.37
CA THR C 106 -11.71 16.38 38.07
C THR C 106 -11.47 17.86 37.75
N PHE C 107 -12.10 18.32 36.68
CA PHE C 107 -11.92 19.67 36.24
C PHE C 107 -12.69 20.59 37.16
N LEU C 108 -12.06 21.70 37.49
CA LEU C 108 -12.67 22.72 38.31
C LEU C 108 -13.87 23.35 37.63
N THR C 109 -14.92 23.53 38.41
CA THR C 109 -16.10 24.22 37.94
C THR C 109 -16.59 25.07 39.05
N PRO C 110 -17.46 26.04 38.73
CA PRO C 110 -18.17 26.83 39.77
C PRO C 110 -18.89 25.98 40.78
N GLU C 111 -19.62 24.95 40.31
CA GLU C 111 -20.37 24.08 41.18
C GLU C 111 -19.46 23.40 42.21
N ILE C 112 -18.35 22.82 41.75
CA ILE C 112 -17.42 22.13 42.64
C ILE C 112 -16.85 23.10 43.68
N TYR C 113 -16.46 24.28 43.21
CA TYR C 113 -15.86 25.31 44.06
C TYR C 113 -16.80 25.70 45.19
N SER C 114 -18.09 25.84 44.90
CA SER C 114 -19.05 26.22 45.91
C SER C 114 -19.25 25.12 46.99
N THR C 115 -18.91 23.86 46.70
CA THR C 115 -18.89 22.79 47.70
C THR C 115 -17.58 22.70 48.50
N MET C 116 -16.49 23.34 48.07
CA MET C 116 -15.21 23.24 48.79
C MET C 116 -15.30 24.00 50.11
N SER C 117 -14.60 23.50 51.13
CA SER C 117 -14.49 24.22 52.42
C SER C 117 -13.71 25.50 52.20
N GLU C 118 -13.84 26.45 53.10
CA GLU C 118 -13.06 27.70 52.98
C GLU C 118 -11.54 27.44 52.84
N GLU C 119 -11.03 26.47 53.60
CA GLU C 119 -9.61 26.17 53.57
C GLU C 119 -9.24 25.53 52.23
N GLU C 120 -10.07 24.61 51.73
CA GLU C 120 -9.83 24.09 50.39
C GLU C 120 -9.76 25.16 49.30
N GLN C 121 -10.65 26.14 49.38
CA GLN C 121 -10.65 27.20 48.42
C GLN C 121 -9.40 28.05 48.50
N ASN C 122 -9.03 28.39 49.71
CA ASN C 122 -7.83 29.17 49.93
C ASN C 122 -6.62 28.44 49.38
N LEU C 123 -6.52 27.14 49.62
CA LEU C 123 -5.34 26.41 49.14
C LEU C 123 -5.32 26.41 47.61
N LEU C 124 -6.47 26.25 46.98
CA LEU C 124 -6.55 26.28 45.53
C LEU C 124 -6.09 27.64 44.98
N LYS C 125 -6.57 28.72 45.59
CA LYS C 125 -6.16 30.03 45.13
C LYS C 125 -4.65 30.19 45.27
N ARG C 126 -4.09 29.74 46.40
CA ARG C 126 -2.65 29.83 46.61
C ARG C 126 -1.91 28.98 45.63
N ASP C 127 -2.39 27.79 45.40
CA ASP C 127 -1.72 26.93 44.43
C ASP C 127 -1.66 27.54 43.03
N ILE C 128 -2.74 28.20 42.62
CA ILE C 128 -2.80 28.84 41.31
C ILE C 128 -1.85 30.05 41.27
N ALA C 129 -1.90 30.88 42.30
CA ALA C 129 -1.01 32.01 42.33
C ALA C 129 0.43 31.54 42.30
N SER C 130 0.74 30.48 43.02
CA SER C 130 2.08 29.93 43.07
C SER C 130 2.56 29.37 41.73
N PHE C 131 1.66 28.67 41.04
CA PHE C 131 2.00 28.14 39.72
C PHE C 131 2.30 29.25 38.76
N LEU C 132 1.40 30.23 38.68
CA LEU C 132 1.54 31.33 37.74
C LEU C 132 2.78 32.11 38.08
N ARG C 133 3.09 32.29 39.34
CA ARG C 133 4.29 33.05 39.72
C ARG C 133 5.49 32.28 39.21
N GLN C 134 5.50 30.97 39.42
CA GLN C 134 6.65 30.22 38.96
C GLN C 134 6.81 30.25 37.41
N MET C 135 5.72 30.14 36.66
CA MET C 135 5.80 30.12 35.20
C MET C 135 6.17 31.52 34.65
N HIS C 136 5.52 32.53 35.18
CA HIS C 136 5.75 33.88 34.77
C HIS C 136 7.20 34.31 35.08
N GLY C 137 7.80 33.68 36.07
CA GLY C 137 9.17 33.93 36.40
C GLY C 137 10.23 33.18 35.63
N LEU C 138 9.87 32.32 34.69
CA LEU C 138 10.92 31.59 33.97
C LEU C 138 11.75 32.45 33.06
N ASP C 139 13.02 32.11 33.01
CA ASP C 139 13.89 32.61 31.98
C ASP C 139 13.44 31.94 30.68
N TYR C 140 12.86 32.77 29.80
CA TYR C 140 12.29 32.26 28.56
C TYR C 140 13.23 32.46 27.36
N THR C 141 14.51 32.67 27.59
CA THR C 141 15.47 32.90 26.51
C THR C 141 15.42 31.79 25.48
N ASP C 142 15.36 30.54 25.95
CA ASP C 142 15.37 29.38 25.07
C ASP C 142 14.15 29.24 24.15
N ILE C 143 13.03 29.86 24.50
CA ILE C 143 11.84 29.83 23.65
C ILE C 143 11.50 31.25 23.21
N SER C 144 12.52 32.07 22.96
CA SER C 144 12.25 33.50 22.78
C SER C 144 11.55 33.84 21.47
N GLU C 145 11.66 32.99 20.45
CA GLU C 145 10.88 33.12 19.21
C GLU C 145 9.38 33.12 19.47
N CYS C 146 8.91 32.49 20.57
CA CYS C 146 7.46 32.33 20.87
C CYS C 146 6.80 33.57 21.50
N THR C 147 7.10 34.75 20.97
CA THR C 147 6.43 35.97 21.35
C THR C 147 5.08 36.11 20.66
N ILE C 148 4.19 36.82 21.35
CA ILE C 148 2.89 37.14 20.85
C ILE C 148 2.63 38.61 21.20
N ASP C 149 2.30 39.39 20.20
CA ASP C 149 1.97 40.80 20.37
C ASP C 149 0.48 40.96 20.06
N ASN C 150 -0.36 40.99 21.09
CA ASN C 150 -1.80 41.08 20.93
C ASN C 150 -2.21 42.42 20.25
N LYS C 151 -1.52 43.52 20.63
CA LYS C 151 -1.90 44.80 20.08
C LYS C 151 -1.63 44.88 18.61
N GLN C 152 -0.41 44.53 18.22
CA GLN C 152 -0.05 44.50 16.81
C GLN C 152 -0.93 43.57 15.97
N ASN C 153 -1.27 42.40 16.52
CA ASN C 153 -2.16 41.47 15.81
C ASN C 153 -3.51 42.17 15.48
N VAL C 154 -4.05 42.89 16.47
CA VAL C 154 -5.30 43.59 16.29
C VAL C 154 -5.18 44.70 15.24
N LEU C 155 -4.08 45.45 15.27
CA LEU C 155 -3.90 46.47 14.28
C LEU C 155 -3.92 45.85 12.86
N GLU C 156 -3.21 44.73 12.70
CA GLU C 156 -3.17 44.05 11.42
C GLU C 156 -4.57 43.52 10.97
N GLU C 157 -5.32 43.02 11.96
CA GLU C 157 -6.64 42.57 11.74
C GLU C 157 -7.60 43.71 11.36
N TYR C 158 -7.40 44.90 11.97
CA TYR C 158 -8.21 46.04 11.57
C TYR C 158 -7.95 46.40 10.10
N ILE C 159 -6.72 46.33 9.69
CA ILE C 159 -6.43 46.62 8.31
C ILE C 159 -7.13 45.60 7.35
N LEU C 160 -7.11 44.33 7.72
CA LEU C 160 -7.80 43.31 7.00
C LEU C 160 -9.29 43.62 6.85
N LEU C 161 -9.94 44.02 7.96
CA LEU C 161 -11.35 44.45 7.89
C LEU C 161 -11.55 45.54 6.89
N ARG C 162 -10.68 46.57 6.94
CA ARG C 162 -10.84 47.69 6.04
C ARG C 162 -10.65 47.29 4.60
N GLU C 163 -9.77 46.33 4.36
CA GLU C 163 -9.53 45.84 3.00
C GLU C 163 -10.60 44.90 2.43
N THR C 164 -11.48 44.36 3.28
CA THR C 164 -12.41 43.32 2.90
C THR C 164 -13.84 43.77 3.11
N ILE C 165 -14.45 43.47 4.24
CA ILE C 165 -15.87 43.75 4.42
C ILE C 165 -16.32 45.04 5.12
N TYR C 166 -15.38 45.88 5.55
CA TYR C 166 -15.78 47.01 6.40
C TYR C 166 -16.83 47.89 5.76
N ASN C 167 -16.66 48.18 4.50
CA ASN C 167 -17.61 49.09 3.80
C ASN C 167 -19.02 48.54 3.67
N ASP C 168 -19.22 47.23 3.77
CA ASP C 168 -20.58 46.65 3.85
C ASP C 168 -21.16 46.52 5.24
N LEU C 169 -20.46 46.94 6.28
CA LEU C 169 -21.00 46.72 7.64
C LEU C 169 -22.03 47.81 7.88
N THR C 170 -22.93 47.60 8.84
CA THR C 170 -23.83 48.67 9.24
C THR C 170 -23.09 49.80 10.01
N ASP C 171 -23.76 50.92 10.17
CA ASP C 171 -23.21 52.03 10.93
C ASP C 171 -22.99 51.62 12.38
N ILE C 172 -23.96 50.91 13.00
CA ILE C 172 -23.77 50.40 14.35
C ILE C 172 -22.53 49.53 14.52
N GLU C 173 -22.25 48.72 13.51
CA GLU C 173 -21.11 47.80 13.51
C GLU C 173 -19.82 48.59 13.31
N LYS C 174 -19.82 49.46 12.35
CA LYS C 174 -18.68 50.39 12.18
C LYS C 174 -18.37 51.20 13.43
N ASP C 175 -19.38 51.77 14.10
CA ASP C 175 -19.11 52.51 15.30
C ASP C 175 -18.50 51.64 16.37
N TYR C 176 -19.00 50.41 16.55
CA TYR C 176 -18.42 49.51 17.53
C TYR C 176 -16.92 49.31 17.27
N ILE C 177 -16.56 49.08 16.02
CA ILE C 177 -15.19 48.79 15.67
C ILE C 177 -14.31 50.01 15.86
N GLU C 178 -14.71 51.16 15.35
CA GLU C 178 -13.91 52.38 15.47
C GLU C 178 -13.71 52.76 16.93
N SER C 179 -14.76 52.56 17.70
CA SER C 179 -14.71 52.91 19.07
C SER C 179 -13.71 51.98 19.84
N PHE C 180 -13.75 50.68 19.49
CA PHE C 180 -12.79 49.75 20.02
C PHE C 180 -11.39 50.18 19.65
N MET C 181 -11.14 50.48 18.40
CA MET C 181 -9.81 50.86 17.94
C MET C 181 -9.29 52.13 18.60
N GLU C 182 -10.17 53.10 18.84
CA GLU C 182 -9.82 54.28 19.64
C GLU C 182 -9.27 53.87 21.03
N ARG C 183 -10.01 52.98 21.65
CA ARG C 183 -9.60 52.47 22.95
C ARG C 183 -8.25 51.70 22.90
N LEU C 184 -8.11 50.81 21.92
CA LEU C 184 -6.89 50.08 21.75
C LEU C 184 -5.66 50.97 21.57
N ASN C 185 -5.83 52.06 20.84
CA ASN C 185 -4.77 52.93 20.53
C ASN C 185 -4.36 53.78 21.72
N ALA C 186 -5.31 54.07 22.64
CA ALA C 186 -5.02 54.87 23.86
C ALA C 186 -4.51 54.05 25.02
N THR C 187 -4.82 52.79 25.10
CA THR C 187 -4.59 52.02 26.29
C THR C 187 -3.12 51.88 26.59
N THR C 188 -2.81 51.72 27.88
CA THR C 188 -1.48 51.44 28.34
C THR C 188 -1.33 50.02 28.83
N VAL C 189 -2.38 49.19 28.78
CA VAL C 189 -2.27 47.88 29.36
C VAL C 189 -1.36 46.90 28.58
N PHE C 190 -0.86 47.26 27.39
CA PHE C 190 0.20 46.44 26.74
C PHE C 190 1.63 46.84 27.08
N GLU C 191 1.82 47.80 27.93
CA GLU C 191 3.16 48.35 28.17
C GLU C 191 3.77 47.79 29.42
N GLY C 192 3.18 46.75 30.00
CA GLY C 192 3.64 46.14 31.26
C GLY C 192 4.55 44.94 31.03
N LYS C 193 4.73 44.19 32.09
CA LYS C 193 5.62 43.05 32.08
C LYS C 193 5.15 41.99 31.07
N LYS C 194 6.10 41.51 30.27
CA LYS C 194 5.98 40.40 29.35
C LYS C 194 6.61 39.18 29.97
N CYS C 195 5.94 38.05 29.82
CA CYS C 195 6.45 36.80 30.29
C CYS C 195 5.75 35.63 29.63
N LEU C 196 6.26 34.43 29.87
CA LEU C 196 5.62 33.20 29.37
C LEU C 196 4.31 32.94 30.09
N CYS C 197 3.20 32.96 29.35
CA CYS C 197 1.85 32.74 29.90
C CYS C 197 1.17 31.55 29.26
N HIS C 198 0.32 30.92 30.05
CA HIS C 198 -0.49 29.82 29.60
C HIS C 198 -1.33 30.31 28.45
N ASN C 199 -2.02 31.41 28.69
CA ASN C 199 -2.75 32.23 27.70
C ASN C 199 -4.05 31.63 27.31
N ASP C 200 -4.52 30.66 28.10
CA ASP C 200 -5.92 30.21 27.99
C ASP C 200 -6.31 29.61 29.34
N PHE C 201 -6.09 30.39 30.40
CA PHE C 201 -6.07 29.90 31.76
C PHE C 201 -7.44 29.93 32.39
N SER C 202 -8.32 29.08 31.89
CA SER C 202 -9.72 29.04 32.32
C SER C 202 -9.91 27.83 33.16
N CYS C 203 -10.98 27.75 33.92
CA CYS C 203 -11.06 26.65 34.88
C CYS C 203 -11.37 25.29 34.26
N ASN C 204 -11.81 25.25 33.04
CA ASN C 204 -11.88 23.97 32.28
C ASN C 204 -10.48 23.38 31.90
N HIS C 205 -9.40 24.04 32.25
CA HIS C 205 -8.06 23.51 32.07
C HIS C 205 -7.36 23.22 33.37
N LEU C 206 -8.06 23.28 34.49
CA LEU C 206 -7.45 23.11 35.81
C LEU C 206 -8.02 21.88 36.45
N LEU C 207 -7.13 20.99 36.89
CA LEU C 207 -7.52 19.68 37.43
C LEU C 207 -7.33 19.66 38.95
N LEU C 208 -8.36 19.10 39.59
CA LEU C 208 -8.33 18.79 41.03
C LEU C 208 -8.16 17.30 41.29
N ASP C 209 -7.46 16.98 42.38
CA ASP C 209 -7.37 15.61 42.87
C ASP C 209 -8.50 15.35 43.86
N GLY C 210 -8.49 14.16 44.47
CA GLY C 210 -9.55 13.75 45.37
C GLY C 210 -9.66 14.51 46.68
N ASN C 211 -8.68 15.34 46.98
CA ASN C 211 -8.73 16.22 48.15
C ASN C 211 -9.02 17.69 47.75
N ASN C 212 -9.51 17.91 46.53
CA ASN C 212 -9.72 19.26 45.97
C ASN C 212 -8.50 20.16 45.95
N ARG C 213 -7.32 19.55 45.81
CA ARG C 213 -6.08 20.30 45.59
C ARG C 213 -5.79 20.36 44.08
N LEU C 214 -5.15 21.43 43.67
CA LEU C 214 -4.81 21.63 42.29
C LEU C 214 -3.76 20.57 41.98
N THR C 215 -4.07 19.68 41.05
CA THR C 215 -3.15 18.61 40.70
C THR C 215 -2.58 18.68 39.31
N GLY C 216 -3.25 19.37 38.41
CA GLY C 216 -2.68 19.58 37.09
C GLY C 216 -3.29 20.70 36.29
N ILE C 217 -2.54 21.05 35.24
CA ILE C 217 -2.97 22.05 34.29
C ILE C 217 -2.71 21.52 32.85
N ILE C 218 -3.65 21.75 31.95
CA ILE C 218 -3.54 21.28 30.60
C ILE C 218 -3.72 22.38 29.61
N ASP C 219 -3.50 22.06 28.37
CA ASP C 219 -3.76 22.90 27.20
C ASP C 219 -2.97 24.17 27.21
N PHE C 220 -1.67 24.01 26.95
CA PHE C 220 -0.73 25.11 26.81
C PHE C 220 -0.61 25.42 25.34
N GLY C 221 -1.63 25.04 24.56
CA GLY C 221 -1.61 25.27 23.15
C GLY C 221 -1.54 26.73 22.66
N ASP C 222 -1.95 27.71 23.47
CA ASP C 222 -1.88 29.07 23.04
C ASP C 222 -0.78 29.86 23.78
N SER C 223 0.10 29.12 24.50
CA SER C 223 1.14 29.73 25.26
C SER C 223 2.16 30.47 24.47
N GLY C 224 2.71 31.50 25.10
CA GLY C 224 3.73 32.37 24.48
C GLY C 224 4.17 33.47 25.43
N ILE C 225 5.12 34.25 24.97
CA ILE C 225 5.64 35.34 25.73
C ILE C 225 4.76 36.49 25.38
N ILE C 226 4.03 37.00 26.36
CA ILE C 226 2.95 37.95 26.15
C ILE C 226 2.73 38.74 27.43
N ASP C 227 1.82 39.69 27.45
CA ASP C 227 1.51 40.41 28.73
C ASP C 227 1.15 39.48 29.89
N GLU C 228 1.84 39.69 31.01
CA GLU C 228 1.52 39.06 32.30
C GLU C 228 0.03 39.12 32.66
N TYR C 229 -0.65 40.22 32.33
CA TYR C 229 -2.11 40.26 32.54
C TYR C 229 -2.92 39.12 31.89
N CYS C 230 -2.41 38.56 30.79
CA CYS C 230 -3.12 37.50 29.99
C CYS C 230 -3.63 36.34 30.82
N ASP C 231 -2.88 35.90 31.80
CA ASP C 231 -3.28 34.77 32.55
C ASP C 231 -4.32 35.03 33.60
N PHE C 232 -4.82 36.25 33.71
CA PHE C 232 -5.88 36.51 34.70
C PHE C 232 -7.23 36.82 34.03
N ILE C 233 -7.30 36.76 32.71
CA ILE C 233 -8.48 37.16 32.02
C ILE C 233 -9.68 36.31 32.31
N TYR C 234 -9.50 35.03 32.49
CA TYR C 234 -10.61 34.11 32.78
C TYR C 234 -10.85 34.04 34.29
N LEU C 235 -9.76 34.11 35.07
CA LEU C 235 -9.88 34.18 36.51
C LEU C 235 -10.68 35.38 36.96
N LEU C 236 -10.64 36.45 36.18
CA LEU C 236 -11.45 37.66 36.46
C LEU C 236 -12.83 37.67 35.85
N GLU C 237 -13.20 36.65 35.12
CA GLU C 237 -14.45 36.68 34.34
C GLU C 237 -15.66 36.35 35.22
N ASP C 238 -16.71 37.15 34.99
CA ASP C 238 -17.98 36.93 35.61
C ASP C 238 -18.85 36.22 34.54
N SER C 239 -18.90 34.89 34.56
CA SER C 239 -19.75 34.13 33.65
C SER C 239 -20.15 32.81 34.30
N GLU C 240 -21.06 32.08 33.66
CA GLU C 240 -21.40 30.75 34.12
C GLU C 240 -20.29 29.70 34.09
N GLU C 241 -19.28 29.91 33.27
CA GLU C 241 -18.20 28.92 33.12
C GLU C 241 -17.06 29.14 34.09
N GLU C 242 -16.91 30.38 34.58
CA GLU C 242 -15.78 30.68 35.47
C GLU C 242 -16.35 30.96 36.86
N ILE C 243 -15.47 30.98 37.83
CA ILE C 243 -15.86 31.01 39.22
C ILE C 243 -16.38 32.32 39.67
N GLY C 244 -15.67 33.40 39.34
CA GLY C 244 -16.10 34.78 39.56
C GLY C 244 -14.93 35.76 39.71
N THR C 245 -15.22 37.04 39.47
CA THR C 245 -14.25 38.12 39.67
C THR C 245 -13.52 38.07 41.04
N ASN C 246 -14.21 37.71 42.13
CA ASN C 246 -13.62 37.65 43.47
C ASN C 246 -12.51 36.64 43.63
N PHE C 247 -12.70 35.51 42.98
CA PHE C 247 -11.70 34.45 42.87
C PHE C 247 -10.43 34.96 42.21
N GLY C 248 -10.57 35.63 41.07
CA GLY C 248 -9.39 36.19 40.38
C GLY C 248 -8.70 37.31 41.16
N GLU C 249 -9.50 38.17 41.75
CA GLU C 249 -8.98 39.21 42.66
C GLU C 249 -8.12 38.65 43.78
N ASP C 250 -8.64 37.66 44.50
CA ASP C 250 -7.88 37.07 45.59
C ASP C 250 -6.60 36.43 45.10
N ILE C 251 -6.68 35.75 43.96
CA ILE C 251 -5.51 35.16 43.35
C ILE C 251 -4.49 36.22 42.97
N LEU C 252 -4.96 37.31 42.40
CA LEU C 252 -4.06 38.42 42.08
C LEU C 252 -3.40 38.98 43.34
N ARG C 253 -4.12 39.09 44.45
CA ARG C 253 -3.51 39.52 45.70
C ARG C 253 -2.45 38.59 46.19
N MET C 254 -2.72 37.29 46.15
CA MET C 254 -1.72 36.33 46.56
C MET C 254 -0.54 36.33 45.62
N TYR C 255 -0.77 36.49 44.33
CA TYR C 255 0.30 36.52 43.34
C TYR C 255 1.21 37.75 43.57
N GLY C 256 0.63 38.91 43.88
CA GLY C 256 1.35 40.12 44.20
C GLY C 256 1.98 40.90 43.06
N ASN C 257 2.30 42.15 43.38
CA ASN C 257 3.03 43.02 42.49
C ASN C 257 2.36 43.14 41.17
N ILE C 258 1.07 43.37 41.19
CA ILE C 258 0.32 43.53 39.94
C ILE C 258 -0.89 44.38 40.20
N ASP C 259 -1.09 45.31 39.31
CA ASP C 259 -2.15 46.29 39.41
C ASP C 259 -3.44 45.60 38.97
N ILE C 260 -4.30 45.31 39.94
CA ILE C 260 -5.52 44.52 39.69
C ILE C 260 -6.51 45.25 38.76
N GLU C 261 -6.59 46.58 38.84
CA GLU C 261 -7.52 47.34 38.06
C GLU C 261 -7.10 47.29 36.62
N LYS C 262 -5.81 47.31 36.34
CA LYS C 262 -5.32 47.15 34.95
C LYS C 262 -5.48 45.75 34.44
N ALA C 263 -5.31 44.75 35.30
CA ALA C 263 -5.70 43.40 34.91
C ALA C 263 -7.14 43.36 34.45
N LYS C 264 -8.02 44.06 35.14
CA LYS C 264 -9.42 44.08 34.77
C LYS C 264 -9.68 44.90 33.51
N GLU C 265 -8.93 45.98 33.33
CA GLU C 265 -9.01 46.76 32.12
C GLU C 265 -8.58 45.90 30.92
N TYR C 266 -7.47 45.21 31.04
CA TYR C 266 -6.99 44.26 30.04
C TYR C 266 -8.08 43.28 29.70
N GLN C 267 -8.68 42.64 30.71
CA GLN C 267 -9.73 41.65 30.47
C GLN C 267 -10.88 42.30 29.74
N ASP C 268 -11.24 43.54 30.10
CA ASP C 268 -12.37 44.21 29.52
C ASP C 268 -12.09 44.54 28.04
N ILE C 269 -10.87 44.92 27.70
CA ILE C 269 -10.50 45.21 26.35
C ILE C 269 -10.57 43.93 25.48
N VAL C 270 -10.05 42.83 25.96
CA VAL C 270 -10.16 41.54 25.27
C VAL C 270 -11.61 41.14 25.09
N GLU C 271 -12.45 41.35 26.10
CA GLU C 271 -13.88 41.04 25.98
C GLU C 271 -14.52 41.95 24.91
N GLU C 272 -14.14 43.23 24.86
CA GLU C 272 -14.71 44.14 23.88
C GLU C 272 -14.28 43.68 22.48
N TYR C 273 -13.05 43.20 22.36
CA TYR C 273 -12.57 42.70 21.07
C TYR C 273 -13.25 41.42 20.52
N TYR C 274 -13.86 40.62 21.38
CA TYR C 274 -14.28 39.27 21.00
C TYR C 274 -15.14 39.16 19.74
N PRO C 275 -16.18 39.99 19.58
CA PRO C 275 -16.92 39.99 18.37
C PRO C 275 -16.12 40.29 17.11
N ILE C 276 -15.09 41.14 17.22
CA ILE C 276 -14.33 41.57 16.08
C ILE C 276 -13.37 40.41 15.77
N GLU C 277 -12.82 39.79 16.80
CA GLU C 277 -11.97 38.62 16.62
C GLU C 277 -12.71 37.53 15.83
N THR C 278 -14.00 37.37 16.18
CA THR C 278 -14.86 36.37 15.65
C THR C 278 -15.07 36.68 14.16
N ILE C 279 -15.34 37.93 13.84
CA ILE C 279 -15.53 38.37 12.45
C ILE C 279 -14.27 38.09 11.65
N VAL C 280 -13.14 38.40 12.24
CA VAL C 280 -11.85 38.27 11.58
C VAL C 280 -11.52 36.79 11.30
N TYR C 281 -11.81 35.91 12.25
CA TYR C 281 -11.61 34.48 12.07
C TYR C 281 -12.44 34.00 10.89
N GLY C 282 -13.67 34.50 10.76
CA GLY C 282 -14.53 34.21 9.64
C GLY C 282 -14.03 34.71 8.31
N ILE C 283 -13.39 35.87 8.27
CA ILE C 283 -12.83 36.39 7.03
C ILE C 283 -11.66 35.53 6.60
N LYS C 284 -10.75 35.31 7.54
CA LYS C 284 -9.52 34.57 7.28
C LYS C 284 -9.76 33.13 6.85
N ASN C 285 -10.78 32.49 7.37
CA ASN C 285 -11.05 31.07 7.14
C ASN C 285 -12.29 30.89 6.26
N ILE C 286 -12.72 31.97 5.61
CA ILE C 286 -13.85 31.97 4.69
C ILE C 286 -15.01 31.21 5.31
N LYS C 287 -15.41 31.60 6.53
CA LYS C 287 -16.61 31.06 7.19
C LYS C 287 -17.60 32.15 7.56
N GLN C 288 -18.61 32.32 6.72
CA GLN C 288 -19.66 33.31 6.85
C GLN C 288 -20.32 33.25 8.22
N GLU C 289 -20.47 32.04 8.77
CA GLU C 289 -21.10 31.80 10.04
C GLU C 289 -20.44 32.61 11.17
N PHE C 290 -19.12 32.70 11.14
CA PHE C 290 -18.41 33.45 12.15
C PHE C 290 -18.59 34.97 11.95
N ILE C 291 -18.63 35.41 10.68
CA ILE C 291 -18.82 36.81 10.36
C ILE C 291 -20.19 37.21 10.93
N GLU C 292 -21.22 36.40 10.71
CA GLU C 292 -22.55 36.72 11.18
C GLU C 292 -22.64 36.68 12.72
N ASN C 293 -22.02 35.68 13.38
CA ASN C 293 -22.04 35.61 14.86
C ASN C 293 -21.38 36.88 15.51
N GLY C 294 -20.26 37.31 14.96
CA GLY C 294 -19.56 38.48 15.46
C GLY C 294 -20.40 39.75 15.31
N ARG C 295 -21.05 39.88 14.16
CA ARG C 295 -21.85 41.04 13.89
C ARG C 295 -23.03 41.08 14.80
N LYS C 296 -23.70 39.96 14.97
CA LYS C 296 -24.84 39.87 15.85
C LYS C 296 -24.42 40.17 17.30
N GLU C 297 -23.23 39.70 17.69
CA GLU C 297 -22.73 39.93 19.04
C GLU C 297 -22.48 41.45 19.31
N ILE C 298 -22.14 42.18 18.26
CA ILE C 298 -22.03 43.61 18.34
C ILE C 298 -23.36 44.26 18.69
N TYR C 299 -24.46 43.83 18.01
CA TYR C 299 -25.77 44.31 18.35
C TYR C 299 -26.13 43.93 19.79
N LYS C 300 -25.79 42.71 20.22
CA LYS C 300 -26.16 42.33 21.55
C LYS C 300 -25.49 43.19 22.62
N ARG C 301 -24.22 43.43 22.44
CA ARG C 301 -23.44 44.24 23.33
C ARG C 301 -23.88 45.73 23.31
N THR C 302 -24.17 46.27 22.12
CA THR C 302 -24.64 47.62 21.98
C THR C 302 -25.96 47.85 22.71
N TYR C 303 -26.84 46.87 22.83
CA TYR C 303 -28.19 47.04 23.38
C TYR C 303 -28.33 46.58 24.80
N LYS C 304 -27.29 46.00 25.36
CA LYS C 304 -27.23 45.78 26.82
C LYS C 304 -27.15 47.14 27.47
N ASP D 7 -19.77 15.14 14.56
CA ASP D 7 -19.23 13.79 14.16
C ASP D 7 -19.19 13.51 12.64
N ASN D 8 -20.17 13.99 11.88
CA ASN D 8 -20.11 13.95 10.40
C ASN D 8 -19.00 14.86 9.74
N ALA D 9 -18.67 16.07 10.25
CA ALA D 9 -17.52 16.85 9.67
C ALA D 9 -16.18 16.19 10.02
N THR D 10 -16.07 15.47 11.14
CA THR D 10 -14.77 14.88 11.58
C THR D 10 -14.37 13.59 10.81
N ASN D 11 -15.40 12.75 10.54
CA ASN D 11 -15.20 11.49 9.75
C ASN D 11 -14.67 11.75 8.38
N VAL D 12 -15.26 12.77 7.79
CA VAL D 12 -15.02 13.13 6.44
C VAL D 12 -13.58 13.65 6.29
N LYS D 13 -13.07 14.34 7.31
CA LYS D 13 -11.68 14.86 7.25
C LYS D 13 -10.69 13.72 7.36
N ALA D 14 -10.92 12.85 8.32
CA ALA D 14 -10.10 11.65 8.45
C ALA D 14 -10.08 10.85 7.13
N MET D 15 -11.26 10.64 6.53
CA MET D 15 -11.32 9.84 5.31
C MET D 15 -10.72 10.56 4.11
N LYS D 16 -10.96 11.87 4.04
CA LYS D 16 -10.29 12.73 3.03
C LYS D 16 -8.78 12.59 3.11
N TYR D 17 -8.25 12.62 4.33
CA TYR D 17 -6.85 12.41 4.53
C TYR D 17 -6.37 11.05 4.04
N LEU D 18 -7.07 9.99 4.45
CA LEU D 18 -6.67 8.61 4.03
C LEU D 18 -6.67 8.42 2.52
N ILE D 19 -7.69 8.97 1.88
CA ILE D 19 -7.82 8.88 0.42
C ILE D 19 -6.67 9.59 -0.25
N GLU D 20 -6.40 10.82 0.16
CA GLU D 20 -5.32 11.56 -0.50
C GLU D 20 -3.98 10.97 -0.16
N HIS D 21 -3.87 10.29 0.98
CA HIS D 21 -2.59 9.67 1.37
C HIS D 21 -2.35 8.38 0.61
N TYR D 22 -3.37 7.54 0.47
CA TYR D 22 -3.19 6.22 -0.17
C TYR D 22 -3.30 6.22 -1.71
N PHE D 23 -3.97 7.21 -2.31
CA PHE D 23 -4.13 7.31 -3.75
C PHE D 23 -3.43 8.57 -4.20
N ASP D 24 -2.23 8.31 -4.69
CA ASP D 24 -1.40 9.20 -5.48
C ASP D 24 -2.11 10.19 -6.40
N ASN D 25 -2.08 11.44 -5.96
CA ASN D 25 -2.55 12.53 -6.79
C ASN D 25 -4.05 12.41 -7.05
N PHE D 26 -4.80 11.70 -6.20
CA PHE D 26 -6.25 11.93 -6.06
C PHE D 26 -6.54 13.15 -5.19
N LYS D 27 -7.37 14.08 -5.69
CA LYS D 27 -7.71 15.28 -4.93
C LYS D 27 -9.18 15.28 -4.55
N VAL D 28 -9.44 15.35 -3.25
CA VAL D 28 -10.80 15.41 -2.75
C VAL D 28 -11.28 16.86 -2.68
N ASP D 29 -12.09 17.28 -3.66
CA ASP D 29 -12.72 18.59 -3.63
C ASP D 29 -14.00 18.57 -2.78
N SER D 30 -14.69 17.44 -2.67
CA SER D 30 -15.87 17.35 -1.78
C SER D 30 -16.01 15.91 -1.34
N ILE D 31 -16.65 15.74 -0.20
CA ILE D 31 -16.79 14.42 0.39
C ILE D 31 -17.93 14.50 1.39
N GLU D 32 -18.97 13.68 1.22
CA GLU D 32 -20.01 13.57 2.22
C GLU D 32 -20.31 12.11 2.48
N ILE D 33 -20.80 11.83 3.69
CA ILE D 33 -21.17 10.47 4.08
C ILE D 33 -22.48 10.11 3.37
N ILE D 34 -22.52 8.99 2.66
CA ILE D 34 -23.73 8.61 1.93
C ILE D 34 -24.43 7.41 2.54
N GLY D 35 -23.70 6.59 3.29
CA GLY D 35 -24.33 5.70 4.26
C GLY D 35 -23.31 4.82 4.97
N SER D 36 -23.81 3.81 5.65
CA SER D 36 -22.96 3.00 6.52
C SER D 36 -23.52 1.60 6.82
N GLY D 37 -22.62 0.67 7.10
CA GLY D 37 -22.92 -0.69 7.46
C GLY D 37 -22.05 -1.30 8.56
N SER D 40 -18.60 -0.44 8.80
CA SER D 40 -18.11 0.22 7.58
C SER D 40 -18.73 1.61 7.43
N VAL D 41 -18.10 2.46 6.62
CA VAL D 41 -18.72 3.73 6.22
C VAL D 41 -18.45 3.99 4.74
N ALA D 42 -19.50 4.49 4.06
CA ALA D 42 -19.41 4.92 2.67
C ALA D 42 -19.61 6.46 2.40
N TYR D 43 -18.89 6.96 1.42
CA TYR D 43 -18.68 8.36 1.13
C TYR D 43 -18.87 8.64 -0.36
N LEU D 44 -19.58 9.72 -0.71
CA LEU D 44 -19.61 10.26 -2.06
C LEU D 44 -18.57 11.36 -2.21
N VAL D 45 -17.64 11.17 -3.13
CA VAL D 45 -16.46 12.05 -3.27
C VAL D 45 -16.51 12.71 -4.62
N ASN D 46 -16.28 14.03 -4.64
CA ASN D 46 -16.31 14.87 -5.86
C ASN D 46 -17.66 14.73 -6.64
N ASN D 47 -18.74 14.45 -5.92
CA ASN D 47 -20.04 14.18 -6.51
C ASN D 47 -20.03 13.11 -7.65
N GLU D 48 -19.09 12.18 -7.55
CA GLU D 48 -18.74 11.33 -8.68
C GLU D 48 -18.35 9.88 -8.28
N TYR D 49 -17.61 9.73 -7.18
CA TYR D 49 -17.06 8.45 -6.76
C TYR D 49 -17.66 8.03 -5.44
N ILE D 50 -17.89 6.72 -5.30
CA ILE D 50 -18.24 6.13 -4.03
C ILE D 50 -16.93 5.62 -3.49
N PHE D 51 -16.70 5.80 -2.19
CA PHE D 51 -15.59 5.23 -1.49
C PHE D 51 -16.14 4.50 -0.29
N LYS D 52 -16.02 3.17 -0.30
CA LYS D 52 -16.40 2.32 0.81
C LYS D 52 -15.15 2.14 1.64
N THR D 53 -15.29 2.17 2.96
CA THR D 53 -14.11 2.00 3.81
C THR D 53 -14.46 1.17 5.01
N LYS D 54 -13.47 0.47 5.50
CA LYS D 54 -13.68 -0.51 6.53
C LYS D 54 -12.38 -0.68 7.32
N PHE D 55 -12.47 -0.73 8.66
CA PHE D 55 -11.33 -1.09 9.50
C PHE D 55 -11.37 -2.67 9.75
N LYS D 61 -11.14 -10.65 6.91
CA LYS D 61 -12.31 -9.88 7.27
C LYS D 61 -12.33 -8.48 6.60
N GLY D 62 -11.62 -8.24 5.46
CA GLY D 62 -11.68 -6.95 4.66
C GLY D 62 -12.29 -7.00 3.24
N TYR D 63 -11.97 -5.99 2.44
CA TYR D 63 -12.53 -5.87 1.07
C TYR D 63 -11.89 -6.68 -0.08
N ALA D 64 -11.02 -7.61 0.22
CA ALA D 64 -10.33 -8.37 -0.83
C ALA D 64 -11.30 -9.24 -1.66
N LYS D 65 -12.16 -10.03 -0.99
CA LYS D 65 -13.11 -10.86 -1.69
C LYS D 65 -14.05 -10.03 -2.51
N GLU D 66 -14.51 -8.94 -1.94
CA GLU D 66 -15.45 -8.09 -2.62
C GLU D 66 -14.87 -7.54 -3.91
N LYS D 67 -13.61 -7.13 -3.86
CA LYS D 67 -12.93 -6.66 -5.04
C LYS D 67 -12.74 -7.75 -6.09
N ALA D 68 -12.35 -8.94 -5.66
CA ALA D 68 -12.17 -10.07 -6.59
C ALA D 68 -13.49 -10.38 -7.25
N ILE D 69 -14.58 -10.20 -6.52
CA ILE D 69 -15.88 -10.46 -7.09
C ILE D 69 -16.28 -9.40 -8.09
N TYR D 70 -16.05 -8.11 -7.80
CA TYR D 70 -16.33 -7.11 -8.84
C TYR D 70 -15.48 -7.34 -10.09
N ASN D 71 -14.25 -7.77 -9.94
CA ASN D 71 -13.37 -7.87 -11.07
C ASN D 71 -13.83 -9.08 -11.92
N PHE D 72 -14.20 -10.18 -11.25
CA PHE D 72 -14.72 -11.35 -11.92
C PHE D 72 -16.00 -11.04 -12.65
N LEU D 73 -16.90 -10.29 -12.00
CA LEU D 73 -18.18 -10.03 -12.61
C LEU D 73 -18.05 -9.05 -13.79
N ASN D 74 -17.20 -7.99 -13.66
CA ASN D 74 -17.10 -7.00 -14.74
C ASN D 74 -16.42 -7.64 -15.97
N THR D 75 -15.56 -8.64 -15.77
CA THR D 75 -15.05 -9.49 -16.86
C THR D 75 -16.11 -10.41 -17.51
N ASN D 76 -16.97 -11.07 -16.73
CA ASN D 76 -17.70 -12.22 -17.24
C ASN D 76 -19.19 -11.97 -17.48
N LEU D 77 -19.80 -10.97 -16.83
CA LEU D 77 -21.23 -10.74 -17.07
C LEU D 77 -21.46 -10.05 -18.36
N GLU D 78 -22.47 -10.44 -19.10
CA GLU D 78 -23.03 -9.59 -20.16
C GLU D 78 -24.38 -9.10 -19.79
N THR D 79 -24.49 -7.79 -19.60
CA THR D 79 -25.69 -7.22 -19.04
C THR D 79 -25.60 -5.73 -19.14
N ASN D 80 -26.74 -5.11 -19.34
CA ASN D 80 -26.83 -3.65 -19.26
C ASN D 80 -27.00 -3.16 -17.83
N VAL D 81 -27.17 -4.03 -16.86
CA VAL D 81 -27.29 -3.63 -15.48
C VAL D 81 -25.88 -3.30 -14.94
N LYS D 82 -25.73 -2.14 -14.32
CA LYS D 82 -24.42 -1.72 -13.84
C LYS D 82 -24.13 -2.27 -12.47
N ILE D 83 -22.87 -2.58 -12.25
CA ILE D 83 -22.36 -2.87 -10.92
C ILE D 83 -21.08 -2.05 -10.64
N PRO D 84 -20.65 -2.01 -9.37
CA PRO D 84 -19.40 -1.29 -9.10
C PRO D 84 -18.24 -1.80 -9.94
N ASN D 85 -17.46 -0.87 -10.45
CA ASN D 85 -16.27 -1.16 -11.20
C ASN D 85 -15.08 -0.42 -10.53
N ILE D 86 -14.24 -1.20 -9.90
CA ILE D 86 -13.29 -0.66 -8.93
C ILE D 86 -12.14 0.03 -9.61
N GLU D 87 -12.00 1.33 -9.45
CA GLU D 87 -10.79 2.05 -9.91
C GLU D 87 -9.74 2.25 -8.84
N TYR D 88 -10.12 2.30 -7.57
CA TYR D 88 -9.17 2.58 -6.47
C TYR D 88 -9.36 1.54 -5.42
N SER D 89 -8.28 0.94 -5.00
CA SER D 89 -8.38 0.01 -3.91
C SER D 89 -7.12 0.10 -3.09
N TYR D 90 -7.30 0.04 -1.76
CA TYR D 90 -6.18 -0.17 -0.83
C TYR D 90 -6.63 -1.18 0.16
N ILE D 91 -5.82 -2.24 0.32
CA ILE D 91 -6.23 -3.39 1.11
C ILE D 91 -5.08 -3.83 2.00
N SER D 92 -5.31 -3.80 3.30
CA SER D 92 -4.34 -4.17 4.32
C SER D 92 -5.20 -4.82 5.41
N ASP D 93 -4.53 -5.43 6.38
CA ASP D 93 -5.20 -6.08 7.52
C ASP D 93 -6.11 -5.09 8.28
N GLU D 94 -5.61 -3.86 8.47
CA GLU D 94 -6.23 -2.94 9.36
C GLU D 94 -7.21 -2.05 8.63
N LEU D 95 -7.05 -1.89 7.32
CA LEU D 95 -7.85 -0.91 6.59
C LEU D 95 -8.05 -1.32 5.15
N SER D 96 -9.26 -1.14 4.65
CA SER D 96 -9.55 -1.37 3.24
C SER D 96 -10.41 -0.25 2.70
N ILE D 97 -10.05 0.20 1.49
CA ILE D 97 -10.79 1.19 0.79
C ILE D 97 -11.06 0.70 -0.64
N LEU D 98 -12.29 0.89 -1.12
CA LEU D 98 -12.66 0.65 -2.52
C LEU D 98 -13.26 1.93 -3.03
N GLY D 99 -12.78 2.43 -4.16
CA GLY D 99 -13.42 3.51 -4.87
C GLY D 99 -13.90 3.08 -6.27
N TYR D 100 -15.08 3.58 -6.66
CA TYR D 100 -15.65 3.34 -7.96
C TYR D 100 -16.61 4.46 -8.29
N LYS D 101 -16.95 4.65 -9.56
CA LYS D 101 -17.93 5.67 -9.94
C LYS D 101 -19.33 5.33 -9.48
N GLU D 102 -19.98 6.35 -8.91
CA GLU D 102 -21.35 6.25 -8.43
C GLU D 102 -22.26 5.74 -9.54
N ILE D 103 -23.03 4.71 -9.29
CA ILE D 103 -24.09 4.33 -10.20
C ILE D 103 -25.29 5.23 -9.91
N LYS D 104 -25.80 5.90 -10.94
CA LYS D 104 -26.93 6.84 -10.74
C LYS D 104 -28.27 6.11 -10.86
N GLY D 105 -29.21 6.49 -10.04
CA GLY D 105 -30.54 5.99 -10.09
C GLY D 105 -31.21 6.22 -8.75
N THR D 106 -32.39 5.62 -8.58
CA THR D 106 -33.22 5.70 -7.40
C THR D 106 -33.40 4.29 -6.84
N PHE D 107 -33.23 4.14 -5.53
CA PHE D 107 -33.30 2.83 -4.95
C PHE D 107 -34.74 2.38 -4.87
N LEU D 108 -34.96 1.12 -5.19
CA LEU D 108 -36.29 0.52 -5.10
C LEU D 108 -36.78 0.47 -3.66
N THR D 109 -38.04 0.79 -3.48
CA THR D 109 -38.67 0.69 -2.16
C THR D 109 -40.06 0.16 -2.39
N PRO D 110 -40.73 -0.32 -1.33
CA PRO D 110 -42.16 -0.66 -1.41
C PRO D 110 -43.04 0.44 -1.94
N GLU D 111 -42.81 1.66 -1.46
CA GLU D 111 -43.59 2.81 -1.84
C GLU D 111 -43.51 3.03 -3.35
N ILE D 112 -42.30 3.04 -3.90
CA ILE D 112 -42.12 3.26 -5.33
C ILE D 112 -42.83 2.18 -6.15
N TYR D 113 -42.64 0.92 -5.71
CA TYR D 113 -43.21 -0.23 -6.38
C TYR D 113 -44.73 -0.13 -6.49
N SER D 114 -45.37 0.30 -5.41
CA SER D 114 -46.81 0.39 -5.38
C SER D 114 -47.35 1.50 -6.32
N THR D 115 -46.52 2.48 -6.70
CA THR D 115 -46.88 3.47 -7.72
C THR D 115 -46.61 3.00 -9.17
N MET D 116 -45.83 1.95 -9.39
CA MET D 116 -45.51 1.52 -10.74
C MET D 116 -46.76 0.91 -11.39
N SER D 117 -46.90 1.09 -12.70
CA SER D 117 -47.96 0.43 -13.48
C SER D 117 -47.69 -1.09 -13.46
N GLU D 118 -48.72 -1.88 -13.72
CA GLU D 118 -48.56 -3.33 -13.81
C GLU D 118 -47.46 -3.74 -14.79
N GLU D 119 -47.37 -3.05 -15.93
CA GLU D 119 -46.35 -3.35 -16.93
C GLU D 119 -44.97 -2.99 -16.41
N GLU D 120 -44.83 -1.84 -15.77
CA GLU D 120 -43.54 -1.50 -15.12
C GLU D 120 -43.08 -2.56 -14.11
N GLN D 121 -44.00 -3.06 -13.33
CA GLN D 121 -43.67 -4.06 -12.33
C GLN D 121 -43.21 -5.36 -12.99
N ASN D 122 -43.96 -5.78 -14.01
CA ASN D 122 -43.59 -6.96 -14.75
C ASN D 122 -42.18 -6.82 -15.34
N LEU D 123 -41.88 -5.66 -15.93
CA LEU D 123 -40.54 -5.50 -16.53
C LEU D 123 -39.44 -5.60 -15.46
N LEU D 124 -39.69 -4.98 -14.29
CA LEU D 124 -38.72 -5.03 -13.21
C LEU D 124 -38.50 -6.47 -12.73
N LYS D 125 -39.59 -7.23 -12.56
CA LYS D 125 -39.45 -8.63 -12.13
C LYS D 125 -38.65 -9.38 -13.17
N ARG D 126 -38.91 -9.17 -14.47
CA ARG D 126 -38.16 -9.85 -15.51
C ARG D 126 -36.72 -9.47 -15.48
N ASP D 127 -36.46 -8.18 -15.31
CA ASP D 127 -35.09 -7.73 -15.27
C ASP D 127 -34.29 -8.43 -14.14
N ILE D 128 -34.93 -8.57 -12.99
CA ILE D 128 -34.30 -9.18 -11.84
C ILE D 128 -34.09 -10.67 -12.07
N ALA D 129 -35.10 -11.35 -12.53
CA ALA D 129 -34.96 -12.77 -12.80
C ALA D 129 -33.86 -13.01 -13.83
N SER D 130 -33.79 -12.15 -14.83
CA SER D 130 -32.77 -12.27 -15.86
C SER D 130 -31.35 -12.06 -15.34
N PHE D 131 -31.20 -11.04 -14.46
CA PHE D 131 -29.88 -10.78 -13.90
C PHE D 131 -29.41 -11.98 -13.08
N LEU D 132 -30.27 -12.44 -12.18
CA LEU D 132 -29.94 -13.53 -11.28
C LEU D 132 -29.66 -14.78 -12.08
N ARG D 133 -30.42 -15.02 -13.14
CA ARG D 133 -30.20 -16.22 -13.95
C ARG D 133 -28.81 -16.11 -14.57
N GLN D 134 -28.48 -14.96 -15.11
CA GLN D 134 -27.17 -14.84 -15.72
C GLN D 134 -26.01 -15.00 -14.70
N MET D 135 -26.13 -14.45 -13.49
CA MET D 135 -25.07 -14.54 -12.48
C MET D 135 -24.94 -15.97 -11.93
N HIS D 136 -26.08 -16.54 -11.61
CA HIS D 136 -26.12 -17.87 -11.07
C HIS D 136 -25.59 -18.89 -12.07
N GLY D 137 -25.67 -18.56 -13.37
CA GLY D 137 -25.13 -19.39 -14.40
C GLY D 137 -23.65 -19.28 -14.68
N LEU D 138 -22.93 -18.36 -14.05
CA LEU D 138 -21.51 -18.23 -14.38
C LEU D 138 -20.69 -19.38 -13.85
N ASP D 139 -19.72 -19.76 -14.66
CA ASP D 139 -18.69 -20.66 -14.24
C ASP D 139 -17.82 -19.85 -13.28
N TYR D 140 -17.84 -20.24 -12.02
CA TYR D 140 -17.17 -19.54 -10.95
C TYR D 140 -15.79 -20.12 -10.59
N THR D 141 -15.19 -20.90 -11.50
CA THR D 141 -13.91 -21.55 -11.23
C THR D 141 -12.85 -20.56 -10.78
N ASP D 142 -12.82 -19.42 -11.46
CA ASP D 142 -11.79 -18.41 -11.26
C ASP D 142 -11.87 -17.74 -9.86
N ILE D 143 -13.03 -17.77 -9.20
CA ILE D 143 -13.19 -17.20 -7.87
C ILE D 143 -13.57 -18.31 -6.90
N SER D 144 -13.02 -19.51 -7.10
CA SER D 144 -13.54 -20.67 -6.36
C SER D 144 -13.21 -20.68 -4.88
N GLU D 145 -12.14 -19.98 -4.48
CA GLU D 145 -11.83 -19.75 -3.05
C GLU D 145 -12.97 -19.08 -2.31
N CYS D 146 -13.83 -18.30 -3.00
CA CYS D 146 -14.89 -17.48 -2.36
C CYS D 146 -16.16 -18.24 -1.98
N THR D 147 -16.00 -19.42 -1.39
CA THR D 147 -17.13 -20.19 -0.90
C THR D 147 -17.61 -19.68 0.47
N ILE D 148 -18.90 -19.89 0.72
CA ILE D 148 -19.51 -19.62 1.96
C ILE D 148 -20.43 -20.78 2.34
N ASP D 149 -20.18 -21.32 3.52
CA ASP D 149 -20.96 -22.36 4.13
C ASP D 149 -21.77 -21.73 5.29
N ASN D 150 -23.04 -21.50 5.04
CA ASN D 150 -23.93 -20.86 6.04
C ASN D 150 -24.14 -21.77 7.26
N LYS D 151 -24.18 -23.08 7.05
CA LYS D 151 -24.40 -23.98 8.18
C LYS D 151 -23.23 -23.96 9.13
N GLN D 152 -22.05 -24.13 8.60
CA GLN D 152 -20.83 -24.01 9.37
C GLN D 152 -20.67 -22.66 10.08
N ASN D 153 -21.01 -21.58 9.41
CA ASN D 153 -20.94 -20.25 10.01
C ASN D 153 -21.82 -20.17 11.28
N VAL D 154 -23.03 -20.75 11.17
CA VAL D 154 -23.95 -20.78 12.30
C VAL D 154 -23.39 -21.61 13.41
N LEU D 155 -22.83 -22.78 13.09
CA LEU D 155 -22.22 -23.61 14.13
C LEU D 155 -21.16 -22.84 14.87
N GLU D 156 -20.31 -22.12 14.16
CA GLU D 156 -19.26 -21.29 14.78
C GLU D 156 -19.84 -20.20 15.68
N GLU D 157 -20.91 -19.56 15.21
CA GLU D 157 -21.61 -18.59 16.00
C GLU D 157 -22.28 -19.20 17.24
N TYR D 158 -22.83 -20.41 17.10
CA TYR D 158 -23.41 -21.12 18.23
C TYR D 158 -22.34 -21.45 19.23
N ILE D 159 -21.17 -21.83 18.78
CA ILE D 159 -20.10 -22.10 19.73
C ILE D 159 -19.70 -20.83 20.52
N LEU D 160 -19.65 -19.70 19.83
CA LEU D 160 -19.43 -18.44 20.50
C LEU D 160 -20.48 -18.17 21.59
N LEU D 161 -21.76 -18.39 21.27
CA LEU D 161 -22.81 -18.30 22.29
C LEU D 161 -22.53 -19.16 23.48
N ARG D 162 -22.15 -20.41 23.24
CA ARG D 162 -21.87 -21.33 24.34
C ARG D 162 -20.68 -20.87 25.17
N GLU D 163 -19.71 -20.26 24.53
CA GLU D 163 -18.53 -19.74 25.21
C GLU D 163 -18.77 -18.42 25.99
N THR D 164 -19.87 -17.72 25.70
CA THR D 164 -20.12 -16.40 26.24
C THR D 164 -21.40 -16.37 27.08
N ILE D 165 -22.54 -15.98 26.50
CA ILE D 165 -23.73 -15.77 27.32
C ILE D 165 -24.78 -16.87 27.42
N TYR D 166 -24.59 -18.02 26.77
CA TYR D 166 -25.63 -19.03 26.72
C TYR D 166 -26.12 -19.43 28.10
N ASN D 167 -25.18 -19.64 29.03
CA ASN D 167 -25.56 -20.11 30.36
C ASN D 167 -26.40 -19.14 31.16
N ASP D 168 -26.35 -17.85 30.83
CA ASP D 168 -27.22 -16.85 31.46
C ASP D 168 -28.55 -16.64 30.78
N LEU D 169 -28.85 -17.33 29.69
CA LEU D 169 -30.09 -17.04 28.97
C LEU D 169 -31.22 -17.74 29.75
N THR D 170 -32.45 -17.31 29.53
CA THR D 170 -33.58 -18.04 30.10
C THR D 170 -33.83 -19.38 29.42
N ASP D 171 -34.66 -20.21 30.04
CA ASP D 171 -35.08 -21.46 29.46
C ASP D 171 -35.80 -21.24 28.13
N ILE D 172 -36.71 -20.29 28.08
CA ILE D 172 -37.42 -19.94 26.83
C ILE D 172 -36.44 -19.60 25.68
N GLU D 173 -35.38 -18.88 26.02
CA GLU D 173 -34.38 -18.44 25.05
C GLU D 173 -33.53 -19.60 24.61
N LYS D 174 -33.06 -20.38 25.58
CA LYS D 174 -32.36 -21.61 25.26
C LYS D 174 -33.17 -22.54 24.38
N ASP D 175 -34.46 -22.75 24.69
CA ASP D 175 -35.27 -23.61 23.84
C ASP D 175 -35.39 -23.07 22.44
N TYR D 176 -35.56 -21.78 22.27
CA TYR D 176 -35.60 -21.19 20.92
C TYR D 176 -34.34 -21.54 20.14
N ILE D 177 -33.19 -21.39 20.77
CA ILE D 177 -31.92 -21.59 20.12
C ILE D 177 -31.71 -23.08 19.78
N GLU D 178 -31.91 -23.95 20.75
CA GLU D 178 -31.72 -25.40 20.53
C GLU D 178 -32.67 -25.91 19.47
N SER D 179 -33.87 -25.37 19.47
CA SER D 179 -34.85 -25.80 18.53
C SER D 179 -34.44 -25.35 17.09
N PHE D 180 -33.89 -24.15 16.97
CA PHE D 180 -33.32 -23.70 15.73
C PHE D 180 -32.22 -24.62 15.30
N MET D 181 -31.29 -24.95 16.17
CA MET D 181 -30.15 -25.82 15.81
C MET D 181 -30.62 -27.23 15.39
N GLU D 182 -31.63 -27.76 16.05
CA GLU D 182 -32.24 -29.03 15.62
C GLU D 182 -32.80 -28.90 14.17
N ARG D 183 -33.45 -27.81 13.89
CA ARG D 183 -33.95 -27.56 12.53
C ARG D 183 -32.82 -27.43 11.51
N LEU D 184 -31.77 -26.67 11.86
CA LEU D 184 -30.63 -26.54 10.99
C LEU D 184 -29.99 -27.87 10.63
N ASN D 185 -29.94 -28.76 11.61
CA ASN D 185 -29.31 -30.05 11.44
C ASN D 185 -30.15 -30.98 10.56
N ALA D 186 -31.48 -30.83 10.60
CA ALA D 186 -32.42 -31.70 9.85
C ALA D 186 -32.71 -31.22 8.47
N THR D 187 -32.54 -29.92 8.18
CA THR D 187 -32.99 -29.40 6.89
C THR D 187 -32.16 -29.97 5.76
N THR D 188 -32.77 -30.02 4.59
CA THR D 188 -32.13 -30.43 3.36
C THR D 188 -31.88 -29.26 2.43
N VAL D 189 -32.22 -28.02 2.83
CA VAL D 189 -32.11 -26.93 1.91
C VAL D 189 -30.67 -26.51 1.54
N PHE D 190 -29.65 -27.10 2.17
CA PHE D 190 -28.25 -26.89 1.74
C PHE D 190 -27.76 -27.87 0.65
N GLU D 191 -28.60 -28.78 0.22
CA GLU D 191 -28.13 -29.86 -0.63
C GLU D 191 -28.35 -29.64 -2.13
N GLY D 192 -28.76 -28.43 -2.49
CA GLY D 192 -29.02 -28.07 -3.87
C GLY D 192 -27.85 -27.38 -4.56
N LYS D 193 -28.20 -26.74 -5.67
CA LYS D 193 -27.24 -26.05 -6.49
C LYS D 193 -26.55 -24.92 -5.71
N LYS D 194 -25.22 -24.93 -5.87
CA LYS D 194 -24.31 -23.90 -5.41
C LYS D 194 -23.92 -23.05 -6.59
N CYS D 195 -23.89 -21.74 -6.38
CA CYS D 195 -23.47 -20.83 -7.40
C CYS D 195 -23.07 -19.48 -6.78
N LEU D 196 -22.51 -18.61 -7.61
CA LEU D 196 -22.17 -17.26 -7.19
C LEU D 196 -23.47 -16.46 -6.98
N CYS D 197 -23.69 -16.03 -5.73
CA CYS D 197 -24.84 -15.23 -5.39
C CYS D 197 -24.43 -13.87 -4.81
N HIS D 198 -25.30 -12.90 -5.04
CA HIS D 198 -25.15 -11.61 -4.49
C HIS D 198 -25.09 -11.74 -2.95
N ASN D 199 -26.08 -12.41 -2.42
CA ASN D 199 -26.16 -12.89 -1.03
C ASN D 199 -26.53 -11.76 -0.07
N ASP D 200 -26.99 -10.66 -0.59
CA ASP D 200 -27.68 -9.64 0.24
C ASP D 200 -28.61 -8.86 -0.68
N PHE D 201 -29.45 -9.60 -1.37
CA PHE D 201 -30.18 -9.11 -2.53
C PHE D 201 -31.53 -8.56 -2.08
N SER D 202 -31.47 -7.43 -1.40
CA SER D 202 -32.61 -6.77 -0.87
C SER D 202 -32.87 -5.55 -1.73
N CYS D 203 -34.05 -4.98 -1.61
CA CYS D 203 -34.34 -3.91 -2.57
C CYS D 203 -33.63 -2.58 -2.28
N ASN D 204 -33.05 -2.40 -1.10
CA ASN D 204 -32.15 -1.26 -0.89
C ASN D 204 -30.77 -1.36 -1.65
N HIS D 205 -30.54 -2.44 -2.38
CA HIS D 205 -29.36 -2.53 -3.23
C HIS D 205 -29.68 -2.52 -4.70
N LEU D 206 -30.92 -2.20 -5.06
CA LEU D 206 -31.33 -2.24 -6.45
C LEU D 206 -31.68 -0.86 -6.90
N LEU D 207 -31.09 -0.44 -8.01
CA LEU D 207 -31.27 0.92 -8.52
C LEU D 207 -32.18 0.94 -9.75
N LEU D 208 -33.12 1.86 -9.76
CA LEU D 208 -33.98 2.17 -10.88
C LEU D 208 -33.56 3.43 -11.65
N ASP D 209 -33.75 3.40 -12.98
CA ASP D 209 -33.61 4.56 -13.83
C ASP D 209 -34.94 5.32 -13.91
N GLY D 210 -35.01 6.36 -14.74
CA GLY D 210 -36.19 7.21 -14.81
C GLY D 210 -37.43 6.60 -15.43
N ASN D 211 -37.30 5.40 -16.00
CA ASN D 211 -38.47 4.64 -16.45
C ASN D 211 -38.82 3.48 -15.50
N ASN D 212 -38.30 3.51 -14.27
CA ASN D 212 -38.45 2.43 -13.29
C ASN D 212 -37.97 1.06 -13.76
N ARG D 213 -36.97 1.06 -14.64
CA ARG D 213 -36.25 -0.16 -15.00
C ARG D 213 -35.01 -0.35 -14.13
N LEU D 214 -34.61 -1.59 -13.94
CA LEU D 214 -33.45 -1.91 -13.17
C LEU D 214 -32.24 -1.41 -13.91
N THR D 215 -31.51 -0.50 -13.30
CA THR D 215 -30.34 0.07 -13.92
C THR D 215 -29.02 -0.27 -13.25
N GLY D 216 -29.07 -0.63 -11.97
CA GLY D 216 -27.86 -1.11 -11.29
C GLY D 216 -28.11 -1.91 -10.03
N ILE D 217 -27.05 -2.60 -9.62
CA ILE D 217 -27.02 -3.35 -8.38
C ILE D 217 -25.70 -3.10 -7.65
N ILE D 218 -25.75 -2.92 -6.34
CA ILE D 218 -24.55 -2.56 -5.56
C ILE D 218 -24.40 -3.54 -4.44
N ASP D 219 -23.25 -3.39 -3.77
CA ASP D 219 -22.94 -4.08 -2.53
C ASP D 219 -22.96 -5.61 -2.68
N PHE D 220 -21.91 -6.08 -3.33
CA PHE D 220 -21.64 -7.51 -3.47
C PHE D 220 -20.66 -7.89 -2.37
N GLY D 221 -20.71 -7.15 -1.29
CA GLY D 221 -19.87 -7.40 -0.14
C GLY D 221 -20.09 -8.67 0.61
N ASP D 222 -21.25 -9.33 0.49
CA ASP D 222 -21.42 -10.63 1.11
C ASP D 222 -21.47 -11.75 0.07
N SER D 223 -21.09 -11.45 -1.16
CA SER D 223 -21.13 -12.40 -2.25
C SER D 223 -20.18 -13.53 -2.09
N GLY D 224 -20.63 -14.66 -2.63
CA GLY D 224 -19.83 -15.86 -2.62
C GLY D 224 -20.52 -16.98 -3.35
N ILE D 225 -19.85 -18.11 -3.33
CA ILE D 225 -20.40 -19.31 -3.89
C ILE D 225 -21.14 -19.92 -2.73
N ILE D 226 -22.46 -20.05 -2.90
CA ILE D 226 -23.32 -20.45 -1.82
C ILE D 226 -24.59 -21.03 -2.44
N ASP D 227 -25.53 -21.48 -1.63
CA ASP D 227 -26.84 -21.96 -2.19
C ASP D 227 -27.56 -20.94 -3.07
N GLU D 228 -27.91 -21.39 -4.26
CA GLU D 228 -28.80 -20.68 -5.18
C GLU D 228 -30.04 -20.01 -4.52
N TYR D 229 -30.62 -20.71 -3.55
CA TYR D 229 -31.76 -20.12 -2.81
C TYR D 229 -31.46 -18.76 -2.12
N CYS D 230 -30.18 -18.50 -1.79
CA CYS D 230 -29.76 -17.27 -1.04
C CYS D 230 -30.25 -16.00 -1.65
N ASP D 231 -30.27 -15.90 -2.98
CA ASP D 231 -30.67 -14.68 -3.57
C ASP D 231 -32.14 -14.41 -3.61
N PHE D 232 -32.98 -15.29 -3.03
CA PHE D 232 -34.41 -15.02 -2.99
C PHE D 232 -34.94 -14.73 -1.59
N ILE D 233 -34.06 -14.72 -0.60
CA ILE D 233 -34.43 -14.61 0.80
C ILE D 233 -35.14 -13.30 1.10
N TYR D 234 -34.67 -12.21 0.50
CA TYR D 234 -35.25 -10.89 0.76
C TYR D 234 -36.39 -10.61 -0.19
N LEU D 235 -36.25 -11.11 -1.42
CA LEU D 235 -37.34 -11.03 -2.39
C LEU D 235 -38.58 -11.71 -1.86
N LEU D 236 -38.43 -12.75 -1.07
CA LEU D 236 -39.57 -13.43 -0.46
C LEU D 236 -40.05 -12.86 0.87
N GLU D 237 -39.41 -11.82 1.37
CA GLU D 237 -39.71 -11.33 2.71
C GLU D 237 -40.95 -10.45 2.75
N ASP D 238 -41.74 -10.70 3.77
CA ASP D 238 -42.91 -9.90 4.06
C ASP D 238 -42.50 -8.96 5.22
N SER D 239 -42.06 -7.75 4.91
CA SER D 239 -41.69 -6.76 5.94
C SER D 239 -41.87 -5.35 5.42
N GLU D 240 -41.74 -4.36 6.27
CA GLU D 240 -41.80 -2.96 5.83
C GLU D 240 -40.66 -2.53 4.90
N GLU D 241 -39.53 -3.24 4.88
CA GLU D 241 -38.41 -2.85 4.05
C GLU D 241 -38.43 -3.47 2.67
N GLU D 242 -39.12 -4.59 2.54
CA GLU D 242 -39.12 -5.31 1.26
C GLU D 242 -40.52 -5.27 0.69
N ILE D 243 -40.63 -5.67 -0.56
CA ILE D 243 -41.83 -5.48 -1.35
C ILE D 243 -42.96 -6.39 -0.96
N GLY D 244 -42.69 -7.68 -0.87
CA GLY D 244 -43.69 -8.69 -0.46
C GLY D 244 -43.37 -10.11 -0.94
N THR D 245 -43.91 -11.12 -0.23
CA THR D 245 -43.79 -12.51 -0.69
C THR D 245 -44.15 -12.75 -2.15
N ASN D 246 -45.21 -12.08 -2.61
CA ASN D 246 -45.72 -12.20 -4.00
C ASN D 246 -44.77 -11.77 -5.07
N PHE D 247 -44.04 -10.72 -4.78
CA PHE D 247 -42.94 -10.23 -5.61
C PHE D 247 -41.87 -11.30 -5.81
N GLY D 248 -41.43 -11.90 -4.72
CA GLY D 248 -40.43 -12.97 -4.81
C GLY D 248 -40.92 -14.24 -5.50
N GLU D 249 -42.16 -14.61 -5.17
CA GLU D 249 -42.82 -15.72 -5.86
C GLU D 249 -42.84 -15.55 -7.38
N ASP D 250 -43.31 -14.40 -7.84
CA ASP D 250 -43.37 -14.14 -9.26
C ASP D 250 -42.00 -14.15 -9.90
N ILE D 251 -41.02 -13.57 -9.22
CA ILE D 251 -39.65 -13.60 -9.69
C ILE D 251 -39.11 -15.02 -9.77
N LEU D 252 -39.39 -15.82 -8.77
CA LEU D 252 -39.01 -17.22 -8.82
C LEU D 252 -39.64 -17.95 -10.01
N ARG D 253 -40.91 -17.64 -10.31
CA ARG D 253 -41.53 -18.23 -11.47
C ARG D 253 -40.89 -17.83 -12.75
N MET D 254 -40.59 -16.56 -12.91
CA MET D 254 -39.88 -16.10 -14.08
C MET D 254 -38.50 -16.66 -14.18
N TYR D 255 -37.81 -16.79 -13.05
CA TYR D 255 -36.47 -17.33 -13.04
C TYR D 255 -36.46 -18.78 -13.48
N GLY D 256 -37.44 -19.59 -13.02
CA GLY D 256 -37.60 -20.99 -13.39
C GLY D 256 -36.61 -22.00 -12.85
N ASN D 257 -36.92 -23.26 -12.94
CA ASN D 257 -35.95 -24.34 -12.61
C ASN D 257 -35.42 -24.15 -11.20
N ILE D 258 -36.35 -23.97 -10.28
CA ILE D 258 -36.01 -23.85 -8.89
C ILE D 258 -37.21 -24.24 -8.06
N ASP D 259 -36.93 -24.96 -6.98
CA ASP D 259 -37.95 -25.47 -6.11
C ASP D 259 -38.37 -24.32 -5.18
N ILE D 260 -39.56 -23.77 -5.44
CA ILE D 260 -40.06 -22.60 -4.72
C ILE D 260 -40.30 -22.88 -3.24
N GLU D 261 -40.76 -24.09 -2.90
CA GLU D 261 -41.04 -24.42 -1.52
C GLU D 261 -39.79 -24.43 -0.71
N LYS D 262 -38.69 -24.92 -1.30
CA LYS D 262 -37.40 -24.91 -0.61
C LYS D 262 -36.79 -23.54 -0.55
N ALA D 263 -36.98 -22.71 -1.56
CA ALA D 263 -36.62 -21.32 -1.44
C ALA D 263 -37.30 -20.66 -0.26
N LYS D 264 -38.57 -21.00 -0.03
CA LYS D 264 -39.28 -20.47 1.11
C LYS D 264 -38.85 -21.06 2.41
N GLU D 265 -38.49 -22.34 2.42
CA GLU D 265 -37.96 -22.98 3.60
C GLU D 265 -36.62 -22.29 3.97
N TYR D 266 -35.75 -22.10 3.01
CA TYR D 266 -34.50 -21.40 3.20
C TYR D 266 -34.75 -20.02 3.83
N GLN D 267 -35.64 -19.25 3.24
CA GLN D 267 -36.00 -17.94 3.76
C GLN D 267 -36.51 -18.04 5.19
N ASP D 268 -37.32 -19.05 5.48
CA ASP D 268 -37.94 -19.20 6.78
C ASP D 268 -36.89 -19.57 7.82
N ILE D 269 -35.91 -20.37 7.47
CA ILE D 269 -34.81 -20.72 8.35
C ILE D 269 -33.97 -19.49 8.70
N VAL D 270 -33.61 -18.69 7.71
CA VAL D 270 -32.89 -17.43 7.93
C VAL D 270 -33.71 -16.51 8.81
N GLU D 271 -35.01 -16.43 8.58
CA GLU D 271 -35.89 -15.61 9.43
C GLU D 271 -35.91 -16.14 10.88
N GLU D 272 -35.90 -17.45 11.08
CA GLU D 272 -35.89 -18.02 12.42
C GLU D 272 -34.58 -17.69 13.07
N TYR D 273 -33.49 -17.68 12.30
CA TYR D 273 -32.17 -17.34 12.85
C TYR D 273 -32.00 -15.87 13.26
N TYR D 274 -32.80 -14.96 12.72
CA TYR D 274 -32.56 -13.52 12.84
C TYR D 274 -32.35 -13.00 14.27
N PRO D 275 -33.19 -13.36 15.22
CA PRO D 275 -32.90 -12.96 16.59
C PRO D 275 -31.60 -13.46 17.15
N ILE D 276 -31.14 -14.65 16.73
CA ILE D 276 -29.92 -15.23 17.26
C ILE D 276 -28.78 -14.48 16.61
N GLU D 277 -28.89 -14.21 15.32
CA GLU D 277 -27.88 -13.44 14.60
C GLU D 277 -27.67 -12.08 15.26
N THR D 278 -28.78 -11.49 15.69
CA THR D 278 -28.82 -10.17 16.29
C THR D 278 -28.07 -10.25 17.63
N ILE D 279 -28.34 -11.29 18.41
CA ILE D 279 -27.64 -11.48 19.71
C ILE D 279 -26.16 -11.64 19.47
N VAL D 280 -25.80 -12.41 18.45
CA VAL D 280 -24.41 -12.70 18.14
C VAL D 280 -23.67 -11.45 17.68
N TYR D 281 -24.31 -10.59 16.89
CA TYR D 281 -23.74 -9.32 16.46
C TYR D 281 -23.44 -8.48 17.69
N GLY D 282 -24.35 -8.48 18.66
CA GLY D 282 -24.17 -7.76 19.91
C GLY D 282 -23.02 -8.28 20.75
N ILE D 283 -22.78 -9.59 20.77
CA ILE D 283 -21.68 -10.14 21.51
C ILE D 283 -20.37 -9.75 20.87
N LYS D 284 -20.29 -9.98 19.56
CA LYS D 284 -19.07 -9.73 18.81
C LYS D 284 -18.64 -8.27 18.82
N ASN D 285 -19.59 -7.35 18.84
CA ASN D 285 -19.31 -5.92 18.70
C ASN D 285 -19.59 -5.21 20.05
N ILE D 286 -19.71 -5.98 21.12
CA ILE D 286 -19.89 -5.47 22.46
C ILE D 286 -20.98 -4.41 22.45
N LYS D 287 -22.16 -4.74 21.93
CA LYS D 287 -23.33 -3.86 21.98
C LYS D 287 -24.54 -4.50 22.60
N GLN D 288 -24.72 -4.23 23.89
CA GLN D 288 -25.81 -4.77 24.71
C GLN D 288 -27.18 -4.58 24.06
N GLU D 289 -27.36 -3.46 23.38
CA GLU D 289 -28.61 -3.13 22.72
C GLU D 289 -29.09 -4.23 21.76
N PHE D 290 -28.15 -4.78 21.01
CA PHE D 290 -28.47 -5.86 20.09
C PHE D 290 -28.81 -7.17 20.82
N ILE D 291 -28.08 -7.43 21.91
CA ILE D 291 -28.34 -8.63 22.72
C ILE D 291 -29.77 -8.54 23.24
N GLU D 292 -30.16 -7.40 23.76
CA GLU D 292 -31.50 -7.22 24.31
C GLU D 292 -32.58 -7.26 23.22
N ASN D 293 -32.35 -6.67 22.04
CA ASN D 293 -33.36 -6.72 20.94
C ASN D 293 -33.62 -8.17 20.48
N GLY D 294 -32.54 -8.95 20.34
CA GLY D 294 -32.65 -10.34 19.92
C GLY D 294 -33.41 -11.17 20.95
N ARG D 295 -33.11 -10.94 22.21
CA ARG D 295 -33.75 -11.69 23.28
C ARG D 295 -35.20 -11.38 23.34
N LYS D 296 -35.55 -10.11 23.27
CA LYS D 296 -36.95 -9.71 23.28
C LYS D 296 -37.70 -10.27 22.09
N GLU D 297 -37.03 -10.29 20.91
CA GLU D 297 -37.66 -10.82 19.70
C GLU D 297 -37.98 -12.35 19.86
N ILE D 298 -37.15 -13.05 20.62
CA ILE D 298 -37.40 -14.42 20.94
C ILE D 298 -38.67 -14.60 21.74
N TYR D 299 -38.89 -13.75 22.75
CA TYR D 299 -40.15 -13.75 23.50
C TYR D 299 -41.31 -13.44 22.59
N LYS D 300 -41.15 -12.50 21.68
CA LYS D 300 -42.30 -12.17 20.82
C LYS D 300 -42.71 -13.36 19.96
N ARG D 301 -41.71 -14.00 19.36
CA ARG D 301 -41.91 -15.16 18.52
C ARG D 301 -42.46 -16.36 19.31
N THR D 302 -41.96 -16.61 20.52
CA THR D 302 -42.53 -17.63 21.41
C THR D 302 -44.01 -17.34 21.73
#